data_3LS8
#
_entry.id   3LS8
#
_cell.length_a   61.686
_cell.length_b   141.151
_cell.length_c   163.975
_cell.angle_alpha   90.00
_cell.angle_beta   90.00
_cell.angle_gamma   90.00
#
_symmetry.space_group_name_H-M   'P 21 21 21'
#
loop_
_entity.id
_entity.type
_entity.pdbx_description
1 polymer 'Phosphatidylinositol 3-kinase catalytic subunit type 3'
2 non-polymer 3-(4-morpholin-4-ylthieno[3,2-d]pyrimidin-2-yl)phenol
3 non-polymer 'CHLORIDE ION'
4 non-polymer GLYCEROL
5 water water
#
_entity_poly.entity_id   1
_entity_poly.type   'polypeptide(L)'
_entity_poly.pdbx_seq_one_letter_code
;SMSKHHKLARSLRSGPSDHDLKPNAATRDQLNIIVSYPPTKQLTYEEQDLVWKFRYYLTNQEKALTKFLKCVNWDLPQEA
KQALELLGKWKPMDVEDSLELLSSHYTNPTVRRYAVARLRQADDEDLLMYLLQLVQALKYENFDDIKNGLEPTKKDSQSS
VSENVSNSGINSAEIDSSQIITSPLPSVSSPPPASKTKEVPDGENLEQDLCTFLISRACKNSTLANYLYWYVIVECEDQD
TQQRDPKTHEMYLNVMRRFSQALLKGDKSVRVMRSLLAAQQTFVDRLVHLMKAVQRESGNRKKKNERLQALLGDNEKMNL
SDVELIPLPLEPQVKIRGIIPETATLFKSALMPAQLFFKTEDGGKYPVIFKHGDDLRQDQLILQIISLMDKLLRKENLDL
KLTPYKVLATSTKHGFMQFIQSVPVAEVLDTEGSIQNFFRKYAPSENGPNGISAEVMDTYVKSCAGYCVITYILGVGDRH
LDNLLLTKTGKLFHIDFGYILGRDPKPLPPPMKLNKEMVEGMGGTQSEQYQEFRKQCYTAFLHLRRYSNLILNLFSLMVD
ANIPDIALEPDKTVKKVQDKFRLDLSDEEAVHYMQSLIDESVHALFAAVVEQIH
;
_entity_poly.pdbx_strand_id   A,B
#
loop_
_chem_comp.id
_chem_comp.type
_chem_comp.name
_chem_comp.formula
AJZ non-polymer 3-(4-morpholin-4-ylthieno[3,2-d]pyrimidin-2-yl)phenol 'C16 H15 N3 O2 S'
CL non-polymer 'CHLORIDE ION' 'Cl -1'
GOL non-polymer GLYCEROL 'C3 H8 O3'
#
# COMPACT_ATOMS: atom_id res chain seq x y z
N SER A 17 -37.69 -42.34 27.71
CA SER A 17 -37.83 -41.12 26.85
C SER A 17 -36.57 -40.23 26.93
N ASP A 18 -36.57 -39.12 26.18
CA ASP A 18 -35.36 -38.31 25.90
C ASP A 18 -34.45 -37.99 27.10
N HIS A 19 -35.01 -37.82 28.29
CA HIS A 19 -34.22 -37.46 29.48
C HIS A 19 -33.38 -38.61 30.04
N ASP A 20 -33.77 -39.84 29.73
CA ASP A 20 -33.07 -41.03 30.23
C ASP A 20 -31.97 -41.56 29.32
N LEU A 21 -31.84 -40.97 28.13
CA LEU A 21 -30.85 -41.42 27.14
C LEU A 21 -29.40 -41.20 27.58
N LYS A 22 -28.61 -42.27 27.48
CA LYS A 22 -27.16 -42.22 27.71
C LYS A 22 -26.45 -42.80 26.48
N PRO A 23 -25.48 -42.04 25.90
CA PRO A 23 -24.90 -42.42 24.61
C PRO A 23 -23.86 -43.53 24.70
N ASN A 24 -23.87 -44.44 23.72
CA ASN A 24 -22.85 -45.49 23.62
C ASN A 24 -21.49 -44.92 23.22
N ALA A 25 -20.47 -45.78 23.19
CA ALA A 25 -19.09 -45.39 22.87
C ALA A 25 -18.99 -44.57 21.58
N ALA A 26 -19.55 -45.12 20.50
CA ALA A 26 -19.45 -44.53 19.16
C ALA A 26 -20.05 -43.14 19.13
N THR A 27 -21.21 -42.99 19.76
CA THR A 27 -21.91 -41.71 19.80
C THR A 27 -21.18 -40.68 20.66
N ARG A 28 -20.53 -41.12 21.74
CA ARG A 28 -19.69 -40.24 22.57
C ARG A 28 -18.53 -39.62 21.78
N ASP A 29 -17.86 -40.43 20.96
CA ASP A 29 -16.78 -39.97 20.11
C ASP A 29 -17.26 -38.87 19.17
N GLN A 30 -18.41 -39.10 18.53
CA GLN A 30 -19.00 -38.10 17.62
C GLN A 30 -19.35 -36.80 18.34
N LEU A 31 -19.93 -36.93 19.53
CA LEU A 31 -20.27 -35.78 20.37
C LEU A 31 -19.04 -34.96 20.81
N ASN A 32 -17.96 -35.65 21.21
CA ASN A 32 -16.72 -34.95 21.56
C ASN A 32 -16.15 -34.15 20.39
N ILE A 33 -16.26 -34.69 19.17
CA ILE A 33 -15.79 -33.98 17.99
C ILE A 33 -16.56 -32.67 17.81
N ILE A 34 -17.89 -32.76 17.87
CA ILE A 34 -18.76 -31.59 17.74
C ILE A 34 -18.45 -30.54 18.81
N VAL A 35 -18.33 -30.99 20.05
CA VAL A 35 -18.03 -30.10 21.17
C VAL A 35 -16.65 -29.40 21.02
N SER A 36 -15.70 -30.07 20.35
CA SER A 36 -14.33 -29.53 20.16
CA SER A 36 -14.34 -29.52 20.18
C SER A 36 -14.22 -28.56 18.98
N TYR A 37 -15.26 -28.46 18.16
CA TYR A 37 -15.26 -27.53 17.03
C TYR A 37 -14.99 -26.11 17.52
N PRO A 38 -14.40 -25.27 16.66
CA PRO A 38 -14.30 -23.85 16.99
C PRO A 38 -15.68 -23.18 17.03
N PRO A 39 -15.78 -22.01 17.68
CA PRO A 39 -17.10 -21.38 17.89
C PRO A 39 -17.79 -20.91 16.59
N THR A 40 -17.02 -20.79 15.51
CA THR A 40 -17.47 -20.28 14.22
C THR A 40 -18.01 -21.38 13.27
N LYS A 41 -17.79 -22.63 13.64
CA LYS A 41 -18.16 -23.77 12.80
C LYS A 41 -19.68 -23.96 12.75
N GLN A 42 -20.26 -23.81 11.55
CA GLN A 42 -21.67 -24.10 11.36
C GLN A 42 -21.94 -25.59 11.52
N LEU A 43 -22.74 -25.95 12.51
CA LEU A 43 -23.19 -27.32 12.70
C LEU A 43 -24.20 -27.73 11.61
N THR A 44 -23.99 -28.92 11.04
CA THR A 44 -24.93 -29.51 10.09
C THR A 44 -26.19 -29.94 10.84
N TYR A 45 -27.25 -30.24 10.10
CA TYR A 45 -28.49 -30.72 10.73
C TYR A 45 -28.32 -32.03 11.51
N GLU A 46 -27.48 -32.93 11.00
CA GLU A 46 -27.18 -34.19 11.70
C GLU A 46 -26.49 -33.94 13.04
N GLU A 47 -25.55 -33.01 13.06
CA GLU A 47 -24.86 -32.64 14.29
C GLU A 47 -25.84 -32.00 15.27
N GLN A 48 -26.69 -31.11 14.77
CA GLN A 48 -27.69 -30.45 15.60
C GLN A 48 -28.67 -31.45 16.23
N ASP A 49 -29.15 -32.40 15.44
CA ASP A 49 -30.06 -33.45 15.90
C ASP A 49 -29.42 -34.31 17.00
N LEU A 50 -28.14 -34.66 16.84
CA LEU A 50 -27.45 -35.51 17.79
C LEU A 50 -27.24 -34.80 19.14
N VAL A 51 -26.89 -33.51 19.08
CA VAL A 51 -26.69 -32.72 20.28
C VAL A 51 -28.02 -32.50 21.01
N TRP A 52 -29.09 -32.31 20.24
CA TRP A 52 -30.42 -32.18 20.83
C TRP A 52 -30.82 -33.48 21.52
N LYS A 53 -30.65 -34.58 20.79
CA LYS A 53 -31.01 -35.91 21.25
C LYS A 53 -30.36 -36.29 22.59
N PHE A 54 -29.11 -35.89 22.77
CA PHE A 54 -28.39 -36.22 23.99
C PHE A 54 -28.14 -34.99 24.86
N ARG A 55 -29.12 -34.09 24.86
CA ARG A 55 -29.06 -32.84 25.64
C ARG A 55 -29.01 -33.03 27.16
N TYR A 56 -29.73 -34.02 27.68
CA TYR A 56 -29.71 -34.27 29.13
C TYR A 56 -28.37 -34.86 29.60
N TYR A 57 -27.74 -35.69 28.75
CA TYR A 57 -26.37 -36.17 29.01
C TYR A 57 -25.39 -35.00 29.01
N LEU A 58 -25.55 -34.12 28.03
CA LEU A 58 -24.59 -33.04 27.84
C LEU A 58 -24.68 -31.94 28.90
N THR A 59 -25.77 -31.90 29.67
CA THR A 59 -25.94 -30.91 30.76
C THR A 59 -24.79 -30.94 31.76
N ASN A 60 -24.06 -32.05 31.77
CA ASN A 60 -22.91 -32.25 32.64
C ASN A 60 -21.61 -31.62 32.12
N GLN A 61 -21.64 -31.10 30.91
CA GLN A 61 -20.44 -30.61 30.24
C GLN A 61 -20.58 -29.14 29.92
N GLU A 62 -19.83 -28.29 30.63
CA GLU A 62 -19.94 -26.84 30.41
C GLU A 62 -19.59 -26.43 28.97
N LYS A 63 -18.69 -27.18 28.34
CA LYS A 63 -18.24 -26.87 26.98
C LYS A 63 -19.27 -27.21 25.90
N ALA A 64 -20.17 -28.14 26.20
CA ALA A 64 -21.22 -28.50 25.26
C ALA A 64 -22.34 -27.45 25.15
N LEU A 65 -22.39 -26.49 26.07
CA LEU A 65 -23.54 -25.58 26.15
C LEU A 65 -23.70 -24.71 24.90
N THR A 66 -22.62 -24.09 24.43
CA THR A 66 -22.71 -23.27 23.20
C THR A 66 -23.16 -24.07 21.98
N LYS A 67 -22.76 -25.34 21.92
CA LYS A 67 -23.22 -26.20 20.83
C LYS A 67 -24.70 -26.44 20.94
N PHE A 68 -25.16 -26.68 22.16
CA PHE A 68 -26.57 -26.95 22.40
C PHE A 68 -27.47 -25.77 21.98
N LEU A 69 -27.03 -24.56 22.31
CA LEU A 69 -27.82 -23.37 22.00
C LEU A 69 -27.90 -23.11 20.50
N LYS A 70 -26.98 -23.68 19.73
CA LYS A 70 -27.00 -23.62 18.26
C LYS A 70 -27.78 -24.79 17.60
N CYS A 71 -28.27 -25.74 18.39
CA CYS A 71 -29.03 -26.87 17.85
CA CYS A 71 -29.01 -26.89 17.87
C CYS A 71 -30.53 -26.75 18.08
N VAL A 72 -30.95 -25.73 18.81
CA VAL A 72 -32.35 -25.54 19.15
C VAL A 72 -33.08 -24.86 18.00
N ASN A 73 -34.22 -25.40 17.57
CA ASN A 73 -35.07 -24.59 16.69
C ASN A 73 -35.98 -23.68 17.53
N TRP A 74 -35.60 -22.41 17.55
CA TRP A 74 -36.21 -21.41 18.44
C TRP A 74 -37.59 -20.97 17.97
N ASP A 75 -37.92 -21.28 16.73
CA ASP A 75 -39.23 -20.96 16.16
C ASP A 75 -40.35 -21.82 16.76
N LEU A 76 -39.98 -22.98 17.28
CA LEU A 76 -40.94 -23.90 17.88
C LEU A 76 -41.04 -23.60 19.40
N PRO A 77 -42.18 -23.04 19.86
CA PRO A 77 -42.27 -22.64 21.28
C PRO A 77 -42.01 -23.81 22.24
N GLN A 78 -42.24 -25.02 21.73
CA GLN A 78 -41.97 -26.28 22.44
C GLN A 78 -40.51 -26.39 22.85
N GLU A 79 -39.63 -26.41 21.86
CA GLU A 79 -38.21 -26.60 22.10
C GLU A 79 -37.64 -25.39 22.86
N ALA A 80 -38.00 -24.19 22.40
CA ALA A 80 -37.49 -22.95 23.00
C ALA A 80 -37.65 -22.95 24.51
N LYS A 81 -38.85 -23.30 24.97
CA LYS A 81 -39.16 -23.30 26.41
C LYS A 81 -38.37 -24.37 27.17
N GLN A 82 -38.21 -25.53 26.53
CA GLN A 82 -37.39 -26.62 27.10
C GLN A 82 -35.91 -26.27 27.10
N ALA A 83 -35.46 -25.58 26.05
CA ALA A 83 -34.04 -25.21 25.93
C ALA A 83 -33.63 -24.28 27.07
N LEU A 84 -34.47 -23.30 27.36
CA LEU A 84 -34.23 -22.39 28.49
C LEU A 84 -34.31 -23.10 29.85
N GLU A 85 -35.17 -24.10 29.97
CA GLU A 85 -35.18 -24.95 31.17
C GLU A 85 -33.82 -25.64 31.32
N LEU A 86 -33.29 -26.16 30.22
CA LEU A 86 -32.00 -26.85 30.25
C LEU A 86 -30.83 -25.88 30.47
N LEU A 87 -30.90 -24.70 29.85
CA LEU A 87 -29.89 -23.66 30.05
C LEU A 87 -29.67 -23.31 31.53
N GLY A 88 -30.75 -23.29 32.31
CA GLY A 88 -30.67 -22.95 33.72
C GLY A 88 -30.09 -24.05 34.59
N LYS A 89 -30.22 -25.29 34.14
CA LYS A 89 -29.69 -26.47 34.86
C LYS A 89 -28.30 -26.86 34.36
N TRP A 90 -27.86 -26.29 33.25
CA TRP A 90 -26.58 -26.67 32.65
C TRP A 90 -25.42 -26.27 33.55
N LYS A 91 -24.37 -27.10 33.56
CA LYS A 91 -23.15 -26.75 34.27
C LYS A 91 -22.66 -25.41 33.69
N PRO A 92 -22.45 -24.38 34.54
CA PRO A 92 -22.15 -23.03 34.07
C PRO A 92 -20.95 -22.96 33.12
N MET A 93 -21.15 -22.34 31.95
CA MET A 93 -20.07 -22.20 30.96
C MET A 93 -19.03 -21.18 31.41
N ASP A 94 -17.85 -21.29 30.83
CA ASP A 94 -16.73 -20.40 31.16
C ASP A 94 -16.99 -18.99 30.61
N VAL A 95 -16.32 -18.01 31.21
CA VAL A 95 -16.43 -16.60 30.82
C VAL A 95 -16.11 -16.42 29.35
N GLU A 96 -14.95 -16.94 28.94
CA GLU A 96 -14.53 -16.92 27.54
C GLU A 96 -15.64 -17.36 26.57
N ASP A 97 -16.37 -18.41 26.93
CA ASP A 97 -17.40 -18.97 26.06
C ASP A 97 -18.64 -18.08 25.99
N SER A 98 -18.93 -17.34 27.05
CA SER A 98 -20.13 -16.50 27.07
C SER A 98 -20.12 -15.45 25.97
N LEU A 99 -18.92 -15.03 25.55
CA LEU A 99 -18.78 -14.00 24.51
C LEU A 99 -19.40 -14.41 23.17
N GLU A 100 -19.44 -15.70 22.87
CA GLU A 100 -20.11 -16.20 21.68
C GLU A 100 -21.60 -15.85 21.72
N LEU A 101 -22.19 -15.90 22.91
CA LEU A 101 -23.62 -15.68 23.04
C LEU A 101 -24.02 -14.22 22.82
N LEU A 102 -23.05 -13.30 22.82
CA LEU A 102 -23.34 -11.87 22.59
C LEU A 102 -23.17 -11.43 21.13
N SER A 103 -22.78 -12.35 20.23
CA SER A 103 -22.63 -12.04 18.81
C SER A 103 -24.02 -11.84 18.19
N SER A 104 -24.06 -11.45 16.91
CA SER A 104 -25.33 -11.16 16.23
C SER A 104 -26.25 -12.38 16.03
N HIS A 105 -25.68 -13.57 16.14
CA HIS A 105 -26.42 -14.80 15.89
CA HIS A 105 -26.41 -14.81 15.90
C HIS A 105 -27.52 -15.02 16.93
N TYR A 106 -27.29 -14.58 18.17
CA TYR A 106 -28.26 -14.80 19.23
C TYR A 106 -29.13 -13.57 19.45
N THR A 107 -30.44 -13.72 19.27
CA THR A 107 -31.40 -12.67 19.59
C THR A 107 -32.29 -12.97 20.80
N ASN A 108 -32.39 -14.25 21.21
CA ASN A 108 -33.23 -14.64 22.34
C ASN A 108 -32.80 -13.95 23.65
N PRO A 109 -33.68 -13.13 24.24
CA PRO A 109 -33.25 -12.30 25.39
C PRO A 109 -32.71 -13.10 26.59
N THR A 110 -33.28 -14.27 26.87
CA THR A 110 -32.88 -15.07 28.01
C THR A 110 -31.47 -15.63 27.80
N VAL A 111 -31.16 -16.00 26.55
CA VAL A 111 -29.79 -16.42 26.20
C VAL A 111 -28.82 -15.27 26.39
N ARG A 112 -29.22 -14.06 25.97
CA ARG A 112 -28.33 -12.90 26.04
C ARG A 112 -28.12 -12.41 27.48
N ARG A 113 -29.15 -12.50 28.32
CA ARG A 113 -29.01 -12.26 29.77
C ARG A 113 -28.16 -13.34 30.45
N TYR A 114 -28.23 -14.58 29.97
CA TYR A 114 -27.37 -15.63 30.51
C TYR A 114 -25.89 -15.29 30.26
N ALA A 115 -25.60 -14.83 29.06
CA ALA A 115 -24.23 -14.45 28.71
C ALA A 115 -23.69 -13.40 29.68
N VAL A 116 -24.50 -12.37 29.94
CA VAL A 116 -24.17 -11.31 30.89
C VAL A 116 -23.97 -11.82 32.32
N ALA A 117 -24.82 -12.75 32.76
CA ALA A 117 -24.67 -13.40 34.07
C ALA A 117 -23.33 -14.10 34.22
N ARG A 118 -22.84 -14.70 33.12
CA ARG A 118 -21.52 -15.30 33.11
C ARG A 118 -20.40 -14.24 33.19
N LEU A 119 -20.53 -13.15 32.43
CA LEU A 119 -19.56 -12.03 32.48
C LEU A 119 -19.46 -11.41 33.88
N ARG A 120 -20.60 -11.33 34.56
CA ARG A 120 -20.67 -10.88 35.95
C ARG A 120 -19.70 -11.62 36.90
N GLN A 121 -19.38 -12.89 36.61
CA GLN A 121 -18.41 -13.65 37.40
C GLN A 121 -16.93 -13.31 37.11
N ALA A 122 -16.66 -12.71 35.96
CA ALA A 122 -15.31 -12.27 35.62
C ALA A 122 -14.80 -11.20 36.57
N ASP A 123 -13.50 -11.22 36.86
CA ASP A 123 -12.87 -10.10 37.54
C ASP A 123 -12.78 -8.88 36.61
N ASP A 124 -12.61 -7.70 37.18
CA ASP A 124 -12.54 -6.46 36.42
C ASP A 124 -11.37 -6.43 35.43
N GLU A 125 -10.29 -7.13 35.73
CA GLU A 125 -9.09 -7.12 34.90
C GLU A 125 -9.34 -7.83 33.57
N ASP A 126 -9.96 -9.01 33.65
CA ASP A 126 -10.41 -9.73 32.48
C ASP A 126 -11.45 -8.91 31.71
N LEU A 127 -12.33 -8.25 32.45
CA LEU A 127 -13.43 -7.51 31.83
C LEU A 127 -12.86 -6.38 30.98
N LEU A 128 -11.78 -5.76 31.46
CA LEU A 128 -11.10 -4.70 30.73
C LEU A 128 -10.39 -5.18 29.46
N MET A 129 -9.87 -6.42 29.47
CA MET A 129 -9.29 -7.06 28.28
C MET A 129 -10.29 -7.22 27.11
N TYR A 130 -11.60 -7.36 27.43
CA TYR A 130 -12.64 -7.65 26.45
C TYR A 130 -13.56 -6.44 26.13
N LEU A 131 -13.30 -5.31 26.77
CA LEU A 131 -14.27 -4.22 26.80
C LEU A 131 -14.54 -3.60 25.43
N LEU A 132 -13.48 -3.36 24.66
CA LEU A 132 -13.61 -2.83 23.30
C LEU A 132 -14.61 -3.66 22.47
N GLN A 133 -14.51 -4.99 22.58
CA GLN A 133 -15.41 -5.91 21.86
C GLN A 133 -16.81 -5.91 22.45
N LEU A 134 -16.90 -5.71 23.76
CA LEU A 134 -18.18 -5.67 24.44
C LEU A 134 -18.96 -4.42 24.03
N VAL A 135 -18.28 -3.29 23.86
CA VAL A 135 -18.94 -2.08 23.37
C VAL A 135 -19.48 -2.26 21.94
N GLN A 136 -18.75 -2.98 21.08
CA GLN A 136 -19.30 -3.34 19.76
C GLN A 136 -20.51 -4.25 19.85
N ALA A 137 -20.53 -5.13 20.84
CA ALA A 137 -21.64 -6.08 21.04
C ALA A 137 -22.97 -5.39 21.43
N LEU A 138 -22.89 -4.15 21.87
CA LEU A 138 -24.12 -3.38 22.13
C LEU A 138 -24.97 -3.25 20.85
N LYS A 139 -24.34 -3.32 19.68
CA LYS A 139 -25.08 -3.27 18.41
C LYS A 139 -26.10 -4.42 18.27
N TYR A 140 -25.86 -5.53 18.95
CA TYR A 140 -26.71 -6.71 18.81
C TYR A 140 -27.77 -6.86 19.91
N GLU A 141 -27.82 -5.90 20.83
CA GLU A 141 -28.77 -5.90 21.93
C GLU A 141 -30.12 -5.32 21.47
N ASN A 142 -31.10 -5.33 22.35
CA ASN A 142 -32.40 -4.73 22.08
C ASN A 142 -32.37 -3.21 22.31
N PHE A 143 -32.60 -2.47 21.23
CA PHE A 143 -32.48 -1.00 21.25
C PHE A 143 -33.58 -0.35 22.08
N ASP A 144 -34.80 -0.87 21.96
CA ASP A 144 -35.96 -0.39 22.73
C ASP A 144 -35.67 -0.46 24.22
N ASP A 145 -35.25 -1.65 24.67
CA ASP A 145 -34.88 -1.88 26.07
C ASP A 145 -33.84 -0.87 26.58
N ILE A 146 -32.84 -0.56 25.76
CA ILE A 146 -31.81 0.42 26.12
C ILE A 146 -32.42 1.81 26.30
N LYS A 147 -33.26 2.21 25.34
CA LYS A 147 -33.96 3.50 25.39
C LYS A 147 -34.89 3.63 26.60
N ASN A 148 -35.73 2.61 26.82
CA ASN A 148 -36.70 2.63 27.92
C ASN A 148 -36.07 2.69 29.31
N GLY A 149 -34.80 2.33 29.42
CA GLY A 149 -34.06 2.46 30.68
C GLY A 149 -33.80 3.89 31.12
N LEU A 150 -34.02 4.86 30.22
CA LEU A 150 -33.94 6.27 30.58
C LEU A 150 -35.19 6.69 31.34
N ILE A 175 -29.10 16.67 20.61
CA ILE A 175 -28.21 16.00 21.58
C ILE A 175 -26.83 15.79 21.00
N ASP A 176 -25.89 16.67 21.34
CA ASP A 176 -24.48 16.49 20.97
C ASP A 176 -23.85 15.57 22.00
N SER A 177 -23.43 14.38 21.57
CA SER A 177 -22.98 13.34 22.49
C SER A 177 -21.79 13.75 23.39
N SER A 178 -20.89 14.57 22.88
CA SER A 178 -19.74 15.04 23.67
C SER A 178 -20.13 16.01 24.78
N GLN A 179 -21.37 16.49 24.76
CA GLN A 179 -21.86 17.42 25.78
C GLN A 179 -22.74 16.77 26.85
N ILE A 180 -22.98 15.47 26.73
CA ILE A 180 -23.80 14.77 27.73
C ILE A 180 -23.12 14.79 29.11
N ILE A 181 -21.84 14.41 29.12
CA ILE A 181 -21.08 14.28 30.37
C ILE A 181 -20.75 15.63 30.98
N THR A 182 -20.70 16.65 30.12
CA THR A 182 -20.41 18.03 30.53
C THR A 182 -21.65 18.86 30.82
N SER A 183 -22.83 18.26 30.66
CA SER A 183 -24.09 18.98 30.92
C SER A 183 -24.98 18.25 31.91
N PRO A 184 -24.48 18.03 33.14
CA PRO A 184 -25.28 17.35 34.16
C PRO A 184 -26.52 18.17 34.57
N LEU A 185 -27.67 17.52 34.74
CA LEU A 185 -28.86 18.19 35.23
C LEU A 185 -28.74 18.40 36.73
N PRO A 186 -29.15 19.58 37.23
CA PRO A 186 -28.96 19.87 38.65
C PRO A 186 -29.69 18.92 39.60
N SER A 187 -29.46 19.12 40.90
CA SER A 187 -30.13 18.38 41.97
C SER A 187 -30.97 19.32 42.82
N GLU A 207 -33.42 -9.82 34.61
CA GLU A 207 -32.04 -9.55 35.01
C GLU A 207 -31.35 -8.55 34.07
N GLN A 208 -30.05 -8.34 34.29
CA GLN A 208 -29.29 -7.33 33.57
C GLN A 208 -29.01 -7.67 32.10
N ASP A 209 -29.26 -6.70 31.24
CA ASP A 209 -28.79 -6.78 29.86
C ASP A 209 -27.35 -6.22 29.82
N LEU A 210 -26.76 -6.19 28.62
CA LEU A 210 -25.34 -5.85 28.51
C LEU A 210 -25.10 -4.39 28.89
N CYS A 211 -25.96 -3.49 28.43
CA CYS A 211 -25.86 -2.06 28.74
C CYS A 211 -25.88 -1.83 30.25
N THR A 212 -26.90 -2.38 30.91
CA THR A 212 -27.06 -2.23 32.35
C THR A 212 -25.85 -2.82 33.08
N PHE A 213 -25.40 -4.00 32.67
CA PHE A 213 -24.20 -4.61 33.26
C PHE A 213 -22.96 -3.70 33.17
N LEU A 214 -22.65 -3.22 31.97
CA LEU A 214 -21.41 -2.49 31.77
C LEU A 214 -21.42 -1.17 32.55
N ILE A 215 -22.56 -0.49 32.54
CA ILE A 215 -22.69 0.74 33.30
C ILE A 215 -22.55 0.44 34.80
N SER A 216 -23.14 -0.66 35.24
CA SER A 216 -23.07 -1.09 36.63
C SER A 216 -21.63 -1.34 37.11
N ARG A 217 -20.86 -2.02 36.27
CA ARG A 217 -19.44 -2.26 36.55
C ARG A 217 -18.58 -0.98 36.39
N ALA A 218 -18.94 -0.12 35.47
CA ALA A 218 -18.23 1.16 35.30
C ALA A 218 -18.34 2.05 36.53
N CYS A 219 -19.51 2.05 37.17
CA CYS A 219 -19.72 2.80 38.39
C CYS A 219 -18.84 2.32 39.55
N LYS A 220 -18.44 1.05 39.55
CA LYS A 220 -17.58 0.51 40.62
C LYS A 220 -16.08 0.46 40.30
N ASN A 221 -15.68 0.93 39.11
CA ASN A 221 -14.30 0.82 38.63
C ASN A 221 -13.94 1.96 37.68
N SER A 222 -13.15 2.91 38.15
CA SER A 222 -12.89 4.12 37.37
C SER A 222 -12.11 3.88 36.08
N THR A 223 -11.29 2.83 36.06
CA THR A 223 -10.56 2.46 34.85
C THR A 223 -11.52 1.93 33.78
N LEU A 224 -12.42 1.03 34.16
CA LEU A 224 -13.49 0.59 33.27
C LEU A 224 -14.35 1.77 32.78
N ALA A 225 -14.75 2.64 33.70
CA ALA A 225 -15.59 3.79 33.38
C ALA A 225 -14.95 4.66 32.29
N ASN A 226 -13.63 4.85 32.41
CA ASN A 226 -12.88 5.68 31.49
C ASN A 226 -12.88 5.14 30.07
N TYR A 227 -12.57 3.85 29.92
CA TYR A 227 -12.59 3.21 28.63
C TYR A 227 -14.03 3.07 28.07
N LEU A 228 -14.99 2.73 28.92
CA LEU A 228 -16.41 2.70 28.48
C LEU A 228 -16.78 4.06 27.90
N TYR A 229 -16.41 5.12 28.61
CA TYR A 229 -16.78 6.47 28.19
C TYR A 229 -16.22 6.77 26.79
N TRP A 230 -14.91 6.63 26.63
CA TRP A 230 -14.27 6.98 25.36
C TRP A 230 -14.62 6.05 24.20
N TYR A 231 -14.69 4.76 24.43
CA TYR A 231 -15.17 3.81 23.41
C TYR A 231 -16.58 4.15 22.90
N VAL A 232 -17.48 4.54 23.79
CA VAL A 232 -18.84 4.85 23.40
C VAL A 232 -18.95 6.22 22.71
N ILE A 233 -18.11 7.18 23.12
CA ILE A 233 -18.15 8.51 22.55
C ILE A 233 -17.73 8.42 21.08
N VAL A 234 -16.75 7.58 20.76
CA VAL A 234 -16.29 7.41 19.38
C VAL A 234 -17.38 6.76 18.49
N GLU A 235 -18.12 5.81 19.04
CA GLU A 235 -19.26 5.24 18.33
C GLU A 235 -20.36 6.29 18.12
N CYS A 236 -20.57 7.15 19.13
CA CYS A 236 -21.54 8.23 18.99
C CYS A 236 -21.11 9.21 17.91
N GLU A 237 -19.81 9.46 17.80
CA GLU A 237 -19.26 10.46 16.89
C GLU A 237 -19.09 9.94 15.44
N ASP A 238 -19.15 8.62 15.27
CA ASP A 238 -18.90 7.97 13.97
C ASP A 238 -19.92 8.40 12.92
N GLN A 239 -19.44 9.12 11.91
CA GLN A 239 -20.31 9.68 10.88
C GLN A 239 -20.78 8.67 9.84
N ASP A 240 -20.05 7.55 9.69
CA ASP A 240 -20.51 6.47 8.83
C ASP A 240 -21.74 5.79 9.43
N THR A 241 -21.73 5.58 10.73
CA THR A 241 -22.89 5.06 11.44
C THR A 241 -24.06 6.04 11.34
N GLN A 242 -23.81 7.33 11.51
CA GLN A 242 -24.87 8.35 11.39
C GLN A 242 -25.51 8.30 10.00
N GLN A 243 -24.67 8.17 8.97
CA GLN A 243 -25.10 8.23 7.58
C GLN A 243 -25.69 6.93 7.05
N ARG A 244 -25.31 5.79 7.64
CA ARG A 244 -25.73 4.46 7.12
C ARG A 244 -26.62 3.64 8.06
N ASP A 245 -26.43 3.80 9.38
CA ASP A 245 -27.18 3.04 10.38
C ASP A 245 -27.67 3.97 11.48
N PRO A 246 -28.66 4.83 11.16
CA PRO A 246 -29.12 5.83 12.15
C PRO A 246 -29.56 5.21 13.48
N LYS A 247 -30.30 4.11 13.42
CA LYS A 247 -30.74 3.40 14.64
C LYS A 247 -29.57 3.08 15.57
N THR A 248 -28.49 2.55 15.01
CA THR A 248 -27.31 2.21 15.80
C THR A 248 -26.69 3.46 16.42
N HIS A 249 -26.64 4.56 15.67
CA HIS A 249 -26.17 5.82 16.21
C HIS A 249 -27.00 6.27 17.42
N GLU A 250 -28.32 6.11 17.32
CA GLU A 250 -29.25 6.51 18.37
C GLU A 250 -29.00 5.68 19.61
N MET A 251 -28.89 4.37 19.42
CA MET A 251 -28.64 3.46 20.52
C MET A 251 -27.41 3.87 21.32
N TYR A 252 -26.34 4.24 20.64
CA TYR A 252 -25.11 4.59 21.31
C TYR A 252 -25.26 5.91 22.08
N LEU A 253 -26.03 6.85 21.53
CA LEU A 253 -26.41 8.07 22.28
C LEU A 253 -27.13 7.71 23.58
N ASN A 254 -28.11 6.81 23.47
CA ASN A 254 -28.92 6.39 24.60
C ASN A 254 -28.09 5.71 25.67
N VAL A 255 -27.09 4.94 25.25
CA VAL A 255 -26.16 4.31 26.18
C VAL A 255 -25.37 5.36 26.96
N MET A 256 -24.89 6.38 26.24
CA MET A 256 -24.16 7.46 26.91
C MET A 256 -25.09 8.23 27.86
N ARG A 257 -26.37 8.33 27.52
CA ARG A 257 -27.35 9.05 28.36
C ARG A 257 -27.68 8.22 29.62
N ARG A 258 -27.73 6.90 29.45
CA ARG A 258 -27.90 5.96 30.57
C ARG A 258 -26.70 6.00 31.51
N PHE A 259 -25.52 6.06 30.90
CA PHE A 259 -24.28 6.04 31.63
C PHE A 259 -24.18 7.29 32.49
N SER A 260 -24.43 8.45 31.89
CA SER A 260 -24.50 9.73 32.61
C SER A 260 -25.52 9.69 33.72
N GLN A 261 -26.72 9.24 33.39
CA GLN A 261 -27.82 9.13 34.34
C GLN A 261 -27.41 8.32 35.59
N ALA A 262 -26.84 7.13 35.39
CA ALA A 262 -26.43 6.27 36.50
C ALA A 262 -25.34 6.95 37.32
N LEU A 263 -24.38 7.57 36.65
CA LEU A 263 -23.30 8.25 37.39
C LEU A 263 -23.85 9.36 38.31
N LEU A 264 -24.85 10.11 37.83
CA LEU A 264 -25.45 11.18 38.63
C LEU A 264 -26.37 10.70 39.75
N LYS A 265 -26.93 9.50 39.59
CA LYS A 265 -27.77 8.86 40.62
C LYS A 265 -26.95 8.37 41.81
N GLY A 266 -25.65 8.15 41.61
CA GLY A 266 -24.85 7.39 42.55
C GLY A 266 -24.33 8.17 43.75
N ASP A 267 -23.54 7.50 44.58
CA ASP A 267 -22.90 8.13 45.73
C ASP A 267 -21.73 9.02 45.32
N LYS A 268 -21.13 9.68 46.30
CA LYS A 268 -20.02 10.61 46.06
C LYS A 268 -18.96 10.02 45.16
N SER A 269 -18.55 8.80 45.47
CA SER A 269 -17.57 8.07 44.66
C SER A 269 -17.88 8.19 43.17
N VAL A 270 -19.11 7.83 42.80
CA VAL A 270 -19.51 7.82 41.40
C VAL A 270 -19.63 9.24 40.81
N ARG A 271 -20.18 10.18 41.57
CA ARG A 271 -20.31 11.57 41.09
C ARG A 271 -18.94 12.26 40.87
N VAL A 272 -17.92 11.91 41.66
CA VAL A 272 -16.57 12.42 41.40
C VAL A 272 -16.05 11.88 40.07
N MET A 273 -16.30 10.59 39.83
CA MET A 273 -15.92 9.96 38.58
C MET A 273 -16.51 10.73 37.38
N ARG A 274 -17.77 11.14 37.51
CA ARG A 274 -18.46 11.81 36.42
C ARG A 274 -17.86 13.19 36.14
N SER A 275 -17.53 13.95 37.18
CA SER A 275 -16.91 15.26 36.95
C SER A 275 -15.48 15.17 36.36
N LEU A 276 -14.79 14.05 36.56
CA LEU A 276 -13.45 13.86 35.99
C LEU A 276 -13.48 13.40 34.53
N LEU A 277 -14.54 12.70 34.11
CA LEU A 277 -14.76 12.41 32.70
C LEU A 277 -15.04 13.68 31.91
N ALA A 278 -15.90 14.54 32.47
CA ALA A 278 -16.19 15.84 31.91
C ALA A 278 -14.93 16.67 31.79
N ALA A 279 -14.09 16.69 32.82
CA ALA A 279 -12.82 17.42 32.76
C ALA A 279 -11.92 16.89 31.62
N GLN A 280 -11.94 15.58 31.40
CA GLN A 280 -11.17 14.97 30.30
C GLN A 280 -11.73 15.36 28.96
N GLN A 281 -13.04 15.28 28.83
CA GLN A 281 -13.69 15.57 27.57
C GLN A 281 -13.36 17.01 27.14
N THR A 282 -13.59 17.97 28.04
CA THR A 282 -13.29 19.39 27.73
C THR A 282 -11.80 19.67 27.47
N PHE A 283 -10.90 18.92 28.12
CA PHE A 283 -9.45 19.03 27.87
C PHE A 283 -9.10 18.57 26.46
N VAL A 284 -9.71 17.47 26.04
CA VAL A 284 -9.52 16.98 24.67
C VAL A 284 -10.09 17.98 23.66
N ASP A 285 -11.29 18.49 23.92
CA ASP A 285 -11.94 19.49 23.06
C ASP A 285 -10.99 20.70 22.88
N ARG A 286 -10.38 21.14 23.97
CA ARG A 286 -9.48 22.30 23.95
C ARG A 286 -8.20 22.01 23.19
N LEU A 287 -7.64 20.81 23.36
CA LEU A 287 -6.47 20.40 22.59
C LEU A 287 -6.76 20.23 21.08
N VAL A 288 -7.92 19.70 20.72
CA VAL A 288 -8.34 19.60 19.31
C VAL A 288 -8.41 21.02 18.70
N HIS A 289 -9.06 21.95 19.40
CA HIS A 289 -9.16 23.37 19.00
C HIS A 289 -7.79 23.99 18.73
N LEU A 290 -6.82 23.64 19.57
CA LEU A 290 -5.46 24.16 19.45
C LEU A 290 -4.71 23.56 18.24
N MET A 291 -4.91 22.27 17.98
CA MET A 291 -4.30 21.63 16.80
C MET A 291 -4.85 22.22 15.50
N LYS A 292 -6.16 22.41 15.44
CA LYS A 292 -6.78 23.11 14.29
C LYS A 292 -6.18 24.50 14.07
N ALA A 293 -5.98 25.25 15.16
CA ALA A 293 -5.35 26.56 15.07
C ALA A 293 -3.93 26.46 14.50
N VAL A 294 -3.18 25.42 14.91
CA VAL A 294 -1.80 25.25 14.43
C VAL A 294 -1.71 24.94 12.92
N GLN A 295 -2.62 24.10 12.42
CA GLN A 295 -2.62 23.70 11.02
C GLN A 295 -3.14 24.79 10.08
N ARG A 296 -4.16 25.51 10.54
CA ARG A 296 -4.78 26.59 9.78
C ARG A 296 -3.73 27.61 9.35
N GLU A 297 -2.74 27.79 10.21
CA GLU A 297 -1.68 28.77 10.03
C GLU A 297 -0.62 28.24 9.07
N SER A 298 -0.61 28.73 7.83
CA SER A 298 0.41 28.34 6.87
C SER A 298 1.76 28.91 7.30
N GLY A 299 2.83 28.35 6.75
CA GLY A 299 4.18 28.63 7.23
C GLY A 299 4.86 27.30 7.50
N ASN A 300 6.18 27.36 7.71
CA ASN A 300 6.97 26.15 7.79
C ASN A 300 6.83 25.43 9.14
N ARG A 301 7.46 24.28 9.25
CA ARG A 301 7.38 23.46 10.46
C ARG A 301 7.91 24.19 11.71
N LYS A 302 8.99 24.94 11.55
CA LYS A 302 9.51 25.74 12.67
C LYS A 302 8.50 26.80 13.14
N LYS A 303 7.80 27.42 12.19
CA LYS A 303 6.76 28.40 12.49
C LYS A 303 5.57 27.73 13.20
N LYS A 304 5.14 26.57 12.73
CA LYS A 304 4.03 25.86 13.37
C LYS A 304 4.37 25.39 14.80
N ASN A 305 5.60 24.94 15.02
CA ASN A 305 6.06 24.59 16.37
C ASN A 305 5.97 25.78 17.31
N GLU A 306 6.38 26.95 16.82
CA GLU A 306 6.38 28.17 17.62
C GLU A 306 4.96 28.55 18.03
N ARG A 307 4.02 28.41 17.11
CA ARG A 307 2.60 28.63 17.39
C ARG A 307 2.04 27.59 18.38
N LEU A 308 2.48 26.34 18.25
CA LEU A 308 2.05 25.27 19.13
C LEU A 308 2.50 25.57 20.56
N GLN A 309 3.77 25.94 20.71
CA GLN A 309 4.33 26.18 22.04
C GLN A 309 3.78 27.46 22.69
N ALA A 310 3.42 28.46 21.88
CA ALA A 310 2.84 29.71 22.40
C ALA A 310 1.41 29.48 22.92
N LEU A 311 0.56 28.88 22.11
CA LEU A 311 -0.79 28.54 22.52
C LEU A 311 -0.82 27.67 23.77
N LEU A 312 0.08 26.69 23.84
CA LEU A 312 0.19 25.81 25.01
C LEU A 312 0.68 26.55 26.24
N GLY A 313 1.51 27.59 26.03
CA GLY A 313 2.04 28.41 27.12
C GLY A 313 1.08 29.49 27.62
N ASP A 314 -0.05 29.65 26.94
CA ASP A 314 -1.10 30.60 27.35
C ASP A 314 -2.21 29.80 28.06
N ASN A 315 -2.10 29.69 29.39
CA ASN A 315 -3.03 28.83 30.16
C ASN A 315 -4.37 29.52 30.42
N GLU A 316 -4.36 30.85 30.46
CA GLU A 316 -5.60 31.61 30.65
C GLU A 316 -6.55 31.48 29.44
N LYS A 317 -5.96 31.36 28.24
CA LYS A 317 -6.72 31.19 27.01
C LYS A 317 -7.18 29.74 26.83
N MET A 318 -6.22 28.83 26.77
CA MET A 318 -6.46 27.43 26.37
C MET A 318 -6.55 26.44 27.52
N ASN A 319 -5.99 26.80 28.69
CA ASN A 319 -6.03 25.95 29.88
C ASN A 319 -5.65 24.49 29.64
N LEU A 320 -4.47 24.29 29.05
CA LEU A 320 -3.92 22.94 28.85
C LEU A 320 -2.62 22.68 29.63
N SER A 321 -2.07 23.69 30.29
CA SER A 321 -0.80 23.54 31.03
C SER A 321 -0.94 23.44 32.56
N ASP A 322 -2.13 23.70 33.12
CA ASP A 322 -2.39 23.45 34.55
C ASP A 322 -3.84 23.00 34.84
N VAL A 323 -4.00 21.71 35.07
CA VAL A 323 -5.31 21.11 35.29
C VAL A 323 -5.28 20.28 36.59
N GLU A 324 -6.45 19.85 37.06
CA GLU A 324 -6.63 19.33 38.44
C GLU A 324 -6.30 17.83 38.60
N LEU A 325 -5.10 17.43 38.18
CA LEU A 325 -4.66 16.03 38.30
C LEU A 325 -5.69 15.07 37.69
N ILE A 326 -6.16 15.41 36.50
CA ILE A 326 -7.16 14.58 35.83
C ILE A 326 -6.51 13.31 35.24
N PRO A 327 -7.29 12.25 35.08
CA PRO A 327 -6.75 11.04 34.44
C PRO A 327 -6.45 11.23 32.95
N LEU A 328 -5.34 10.67 32.49
CA LEU A 328 -5.01 10.71 31.06
C LEU A 328 -5.96 9.72 30.32
N PRO A 329 -6.69 10.19 29.30
CA PRO A 329 -7.61 9.25 28.67
C PRO A 329 -6.93 7.99 28.14
N LEU A 330 -5.74 8.17 27.56
CA LEU A 330 -4.89 7.11 27.05
C LEU A 330 -4.52 6.06 28.10
N GLU A 331 -4.29 6.52 29.32
CA GLU A 331 -3.90 5.64 30.42
C GLU A 331 -4.36 6.30 31.73
N PRO A 332 -5.60 6.02 32.15
CA PRO A 332 -6.27 6.79 33.21
C PRO A 332 -5.55 6.73 34.55
N GLN A 333 -4.70 5.73 34.71
CA GLN A 333 -3.87 5.57 35.89
C GLN A 333 -2.84 6.67 36.02
N VAL A 334 -2.46 7.27 34.91
CA VAL A 334 -1.56 8.41 34.95
C VAL A 334 -2.40 9.67 35.14
N LYS A 335 -2.07 10.44 36.17
CA LYS A 335 -2.80 11.66 36.48
C LYS A 335 -1.88 12.80 36.11
N ILE A 336 -2.45 13.79 35.42
CA ILE A 336 -1.64 14.82 34.77
C ILE A 336 -1.93 16.21 35.30
N ARG A 337 -0.87 16.98 35.49
CA ARG A 337 -0.94 18.39 35.84
C ARG A 337 -1.21 19.28 34.62
N GLY A 338 -0.77 18.84 33.44
CA GLY A 338 -0.90 19.63 32.20
C GLY A 338 0.17 19.23 31.20
N ILE A 339 0.20 19.91 30.05
CA ILE A 339 1.19 19.69 29.02
C ILE A 339 2.33 20.70 29.17
N ILE A 340 3.56 20.23 28.91
CA ILE A 340 4.75 21.08 29.06
C ILE A 340 4.91 21.83 27.73
N PRO A 341 4.77 23.17 27.77
CA PRO A 341 4.77 23.92 26.52
C PRO A 341 6.08 23.84 25.73
N GLU A 342 7.21 24.08 26.38
CA GLU A 342 8.46 24.33 25.64
C GLU A 342 9.08 23.09 24.97
N THR A 343 8.49 21.91 25.14
CA THR A 343 9.04 20.68 24.54
C THR A 343 8.11 20.08 23.46
N ALA A 344 6.97 20.70 23.22
CA ALA A 344 6.00 20.20 22.23
C ALA A 344 6.43 20.59 20.82
N THR A 345 6.43 19.62 19.91
CA THR A 345 6.83 19.83 18.51
C THR A 345 6.00 18.93 17.59
N LEU A 346 6.02 19.25 16.30
CA LEU A 346 5.26 18.49 15.32
C LEU A 346 6.21 17.52 14.62
N PHE A 347 5.68 16.34 14.28
CA PHE A 347 6.43 15.37 13.48
C PHE A 347 6.43 15.83 12.03
N LYS A 348 7.49 15.48 11.32
CA LYS A 348 7.59 15.74 9.90
C LYS A 348 6.89 14.60 9.15
N SER A 349 5.60 14.81 8.87
CA SER A 349 4.81 13.87 8.08
C SER A 349 3.56 14.58 7.59
N ALA A 350 2.84 13.95 6.67
CA ALA A 350 1.71 14.57 5.97
C ALA A 350 0.75 15.31 6.91
N LEU A 351 0.31 14.63 7.96
CA LEU A 351 -0.73 15.14 8.86
C LEU A 351 -0.18 15.80 10.13
N MET A 352 1.15 15.97 10.18
CA MET A 352 1.85 16.66 11.28
C MET A 352 1.25 16.46 12.68
N PRO A 353 1.25 15.20 13.16
CA PRO A 353 0.79 15.00 14.53
C PRO A 353 1.79 15.63 15.50
N ALA A 354 1.43 15.76 16.77
CA ALA A 354 2.29 16.43 17.73
C ALA A 354 2.85 15.44 18.73
N GLN A 355 4.08 15.69 19.17
CA GLN A 355 4.64 15.02 20.33
C GLN A 355 4.44 15.97 21.50
N LEU A 356 3.75 15.49 22.54
CA LEU A 356 3.43 16.27 23.73
C LEU A 356 3.89 15.52 24.97
N PHE A 357 4.63 16.20 25.85
CA PHE A 357 4.98 15.66 27.16
C PHE A 357 4.00 16.17 28.23
N PHE A 358 3.28 15.24 28.87
CA PHE A 358 2.38 15.55 29.98
C PHE A 358 3.15 15.54 31.27
N LYS A 359 3.02 16.58 32.09
CA LYS A 359 3.59 16.54 33.45
C LYS A 359 2.65 15.72 34.36
N THR A 360 3.22 14.73 35.05
CA THR A 360 2.43 13.85 35.92
C THR A 360 2.41 14.32 37.37
N GLU A 361 1.53 13.70 38.15
CA GLU A 361 1.39 14.01 39.58
C GLU A 361 2.70 13.87 40.33
N ASP A 362 3.54 12.89 39.98
CA ASP A 362 4.81 12.72 40.69
C ASP A 362 5.97 13.57 40.14
N GLY A 363 5.66 14.44 39.17
CA GLY A 363 6.64 15.35 38.57
C GLY A 363 7.41 14.71 37.43
N GLY A 364 6.91 13.57 36.96
CA GLY A 364 7.50 12.88 35.82
C GLY A 364 6.86 13.38 34.55
N LYS A 365 7.35 12.84 33.43
CA LYS A 365 6.84 13.19 32.11
C LYS A 365 6.37 11.93 31.41
N TYR A 366 5.23 12.03 30.76
CA TYR A 366 4.67 10.94 29.97
C TYR A 366 4.43 11.47 28.56
N PRO A 367 5.31 11.11 27.61
CA PRO A 367 5.17 11.58 26.24
C PRO A 367 4.10 10.80 25.46
N VAL A 368 3.34 11.53 24.65
CA VAL A 368 2.34 10.96 23.77
C VAL A 368 2.45 11.56 22.37
N ILE A 369 1.81 10.90 21.42
CA ILE A 369 1.60 11.45 20.11
C ILE A 369 0.10 11.72 20.02
N PHE A 370 -0.27 12.98 19.75
CA PHE A 370 -1.66 13.32 19.48
C PHE A 370 -1.86 13.53 17.98
N LYS A 371 -2.70 12.70 17.35
CA LYS A 371 -2.95 12.75 15.91
C LYS A 371 -4.29 13.38 15.64
N HIS A 372 -4.33 14.32 14.69
CA HIS A 372 -5.58 14.96 14.26
CA HIS A 372 -5.57 14.97 14.26
C HIS A 372 -5.78 14.75 12.78
N GLY A 373 -7.02 14.49 12.38
CA GLY A 373 -7.34 14.18 10.99
C GLY A 373 -6.94 12.76 10.62
N ASP A 374 -7.16 11.80 11.52
CA ASP A 374 -6.81 10.40 11.25
C ASP A 374 -7.65 9.49 12.14
N ASP A 375 -8.10 8.38 11.57
CA ASP A 375 -8.90 7.40 12.30
C ASP A 375 -7.98 6.32 12.91
N LEU A 376 -7.85 6.35 14.24
CA LEU A 376 -6.96 5.44 14.99
C LEU A 376 -7.58 4.08 15.35
N ARG A 377 -8.81 3.81 14.91
CA ARG A 377 -9.51 2.65 15.44
C ARG A 377 -8.94 1.28 15.04
N GLN A 378 -8.38 1.16 13.83
CA GLN A 378 -7.73 -0.08 13.41
C GLN A 378 -6.46 -0.30 14.25
N ASP A 379 -5.66 0.74 14.41
CA ASP A 379 -4.52 0.65 15.32
C ASP A 379 -4.90 0.39 16.79
N GLN A 380 -6.00 0.99 17.25
CA GLN A 380 -6.52 0.75 18.58
C GLN A 380 -6.90 -0.71 18.79
N LEU A 381 -7.53 -1.31 17.78
CA LEU A 381 -7.93 -2.72 17.86
C LEU A 381 -6.72 -3.65 17.92
N ILE A 382 -5.71 -3.38 17.09
CA ILE A 382 -4.52 -4.25 17.03
C ILE A 382 -3.69 -4.21 18.31
N LEU A 383 -3.54 -3.03 18.90
CA LEU A 383 -2.77 -2.89 20.15
C LEU A 383 -3.55 -3.45 21.35
N GLN A 384 -4.88 -3.43 21.27
CA GLN A 384 -5.75 -4.07 22.28
C GLN A 384 -5.58 -5.59 22.22
N ILE A 385 -5.50 -6.16 21.02
CA ILE A 385 -5.29 -7.61 20.86
C ILE A 385 -3.87 -8.07 21.17
N ILE A 386 -2.87 -7.28 20.79
CA ILE A 386 -1.50 -7.55 21.19
C ILE A 386 -1.39 -7.57 22.74
N SER A 387 -2.04 -6.61 23.37
CA SER A 387 -2.08 -6.53 24.81
C SER A 387 -2.66 -7.80 25.42
N LEU A 388 -3.74 -8.30 24.81
CA LEU A 388 -4.38 -9.55 25.21
C LEU A 388 -3.43 -10.72 25.01
N MET A 389 -2.91 -10.85 23.80
CA MET A 389 -1.97 -11.92 23.49
C MET A 389 -0.79 -11.91 24.46
N ASP A 390 -0.23 -10.73 24.76
CA ASP A 390 0.83 -10.63 25.77
C ASP A 390 0.40 -11.12 27.18
N LYS A 391 -0.82 -10.80 27.57
CA LYS A 391 -1.32 -11.22 28.88
C LYS A 391 -1.53 -12.74 28.95
N LEU A 392 -2.00 -13.33 27.85
CA LEU A 392 -2.23 -14.78 27.82
C LEU A 392 -0.91 -15.55 27.87
N LEU A 393 0.09 -15.08 27.13
CA LEU A 393 1.41 -15.71 27.13
C LEU A 393 2.04 -15.62 28.55
N ARG A 394 1.87 -14.47 29.21
CA ARG A 394 2.43 -14.25 30.55
C ARG A 394 1.73 -15.16 31.56
N LYS A 395 0.46 -15.43 31.33
CA LYS A 395 -0.30 -16.36 32.18
C LYS A 395 0.17 -17.81 31.98
N GLU A 396 0.76 -18.10 30.82
CA GLU A 396 1.40 -19.40 30.56
C GLU A 396 2.90 -19.35 30.86
N ASN A 397 3.31 -18.39 31.69
CA ASN A 397 4.69 -18.24 32.13
C ASN A 397 5.67 -18.02 30.97
N LEU A 398 5.25 -17.19 30.03
CA LEU A 398 6.08 -16.81 28.90
C LEU A 398 5.98 -15.30 28.65
N ASP A 399 7.00 -14.58 29.12
CA ASP A 399 7.08 -13.14 28.95
C ASP A 399 8.05 -12.84 27.82
N LEU A 400 7.52 -12.47 26.67
CA LEU A 400 8.33 -12.29 25.47
C LEU A 400 8.77 -10.84 25.25
N LYS A 401 8.64 -9.99 26.27
CA LYS A 401 9.16 -8.62 26.25
C LYS A 401 8.57 -7.79 25.10
N LEU A 402 7.26 -7.89 24.97
CA LEU A 402 6.52 -7.21 23.92
C LEU A 402 6.28 -5.77 24.35
N THR A 403 5.80 -4.94 23.42
CA THR A 403 5.60 -3.53 23.69
C THR A 403 4.20 -3.13 23.22
N PRO A 404 3.18 -3.48 24.02
CA PRO A 404 1.80 -3.14 23.68
C PRO A 404 1.47 -1.72 24.11
N TYR A 405 1.99 -0.76 23.36
CA TYR A 405 1.80 0.64 23.68
C TYR A 405 0.35 1.05 23.59
N LYS A 406 -0.03 2.05 24.38
CA LYS A 406 -1.42 2.41 24.47
C LYS A 406 -1.83 3.24 23.26
N VAL A 407 -2.99 2.93 22.73
CA VAL A 407 -3.63 3.74 21.73
C VAL A 407 -5.08 3.98 22.11
N LEU A 408 -5.51 5.23 22.01
CA LEU A 408 -6.91 5.57 22.28
C LEU A 408 -7.43 6.62 21.29
N ALA A 409 -8.47 6.25 20.55
CA ALA A 409 -9.20 7.19 19.72
C ALA A 409 -10.10 8.06 20.63
N THR A 410 -10.01 9.38 20.50
CA THR A 410 -10.90 10.29 21.21
C THR A 410 -12.06 10.73 20.30
N SER A 411 -11.94 10.39 19.03
CA SER A 411 -12.99 10.56 18.01
C SER A 411 -12.62 9.66 16.82
N THR A 412 -13.43 9.67 15.76
CA THR A 412 -13.01 9.04 14.50
C THR A 412 -11.98 9.90 13.77
N LYS A 413 -11.78 11.13 14.19
CA LYS A 413 -10.84 12.06 13.55
C LYS A 413 -9.59 12.39 14.38
N HIS A 414 -9.53 11.94 15.62
CA HIS A 414 -8.35 12.22 16.46
C HIS A 414 -8.18 11.21 17.58
N GLY A 415 -7.02 11.25 18.23
CA GLY A 415 -6.67 10.28 19.27
C GLY A 415 -5.23 10.34 19.73
N PHE A 416 -4.92 9.55 20.76
CA PHE A 416 -3.58 9.50 21.36
C PHE A 416 -2.86 8.18 21.11
N MET A 417 -1.54 8.24 21.12
CA MET A 417 -0.71 7.06 21.25
C MET A 417 0.43 7.31 22.22
N GLN A 418 0.79 6.27 22.95
CA GLN A 418 1.88 6.32 23.90
C GLN A 418 3.19 6.37 23.12
N PHE A 419 4.03 7.35 23.41
CA PHE A 419 5.35 7.44 22.82
C PHE A 419 6.33 6.59 23.61
N ILE A 420 6.87 5.56 22.96
CA ILE A 420 7.92 4.70 23.51
C ILE A 420 9.29 5.15 23.01
N GLN A 421 10.21 5.40 23.93
CA GLN A 421 11.57 5.77 23.56
C GLN A 421 12.23 4.60 22.83
N SER A 422 12.72 4.88 21.63
CA SER A 422 13.09 3.85 20.68
C SER A 422 13.65 4.50 19.42
N VAL A 423 14.28 3.67 18.58
CA VAL A 423 14.81 4.12 17.29
C VAL A 423 14.26 3.19 16.19
N PRO A 424 13.79 3.76 15.08
CA PRO A 424 13.38 2.98 13.90
C PRO A 424 14.56 2.20 13.35
N VAL A 425 14.34 0.94 12.94
CA VAL A 425 15.46 0.11 12.51
C VAL A 425 16.20 0.75 11.33
N ALA A 426 15.47 1.43 10.45
CA ALA A 426 16.08 2.16 9.35
C ALA A 426 17.12 3.16 9.86
N GLU A 427 16.79 3.92 10.90
CA GLU A 427 17.72 4.89 11.49
C GLU A 427 18.94 4.22 12.13
N VAL A 428 18.75 3.03 12.70
CA VAL A 428 19.82 2.24 13.27
C VAL A 428 20.81 1.87 12.19
N LEU A 429 20.27 1.42 11.06
CA LEU A 429 21.08 1.06 9.91
C LEU A 429 21.82 2.29 9.36
N ASP A 430 21.13 3.43 9.33
CA ASP A 430 21.73 4.66 8.83
C ASP A 430 22.86 5.25 9.70
N THR A 431 22.66 5.21 11.02
CA THR A 431 23.61 5.81 11.97
C THR A 431 24.65 4.82 12.46
N GLU A 432 24.27 3.55 12.66
CA GLU A 432 25.17 2.55 13.25
C GLU A 432 25.52 1.36 12.34
N GLY A 433 24.76 1.12 11.29
CA GLY A 433 25.11 0.10 10.29
C GLY A 433 24.42 -1.24 10.48
N SER A 434 24.17 -1.61 11.73
CA SER A 434 23.50 -2.88 12.03
C SER A 434 22.87 -2.83 13.42
N ILE A 435 21.99 -3.77 13.69
CA ILE A 435 21.39 -3.91 15.01
C ILE A 435 22.43 -4.32 16.05
N GLN A 436 23.35 -5.20 15.67
CA GLN A 436 24.42 -5.59 16.58
C GLN A 436 25.34 -4.42 16.99
N ASN A 437 25.75 -3.59 16.03
CA ASN A 437 26.62 -2.44 16.34
C ASN A 437 25.93 -1.48 17.28
N PHE A 438 24.61 -1.36 17.11
CA PHE A 438 23.77 -0.54 17.98
C PHE A 438 23.77 -1.07 19.42
N PHE A 439 23.59 -2.38 19.59
CA PHE A 439 23.63 -2.99 20.91
C PHE A 439 25.02 -2.92 21.54
N ARG A 440 26.07 -3.01 20.72
CA ARG A 440 27.44 -2.88 21.20
C ARG A 440 27.71 -1.51 21.78
N LYS A 441 27.28 -0.48 21.06
CA LYS A 441 27.49 0.89 21.47
C LYS A 441 26.76 1.19 22.78
N TYR A 442 25.49 0.81 22.86
CA TYR A 442 24.62 1.22 23.98
C TYR A 442 24.43 0.18 25.08
N ALA A 443 24.86 -1.06 24.83
CA ALA A 443 24.82 -2.11 25.84
C ALA A 443 25.99 -3.06 25.68
N PRO A 444 27.23 -2.54 25.73
CA PRO A 444 28.39 -3.40 25.59
C PRO A 444 28.52 -4.38 26.76
N SER A 445 29.20 -5.49 26.51
CA SER A 445 29.49 -6.46 27.55
C SER A 445 30.60 -7.37 27.06
N GLU A 446 31.72 -7.33 27.75
CA GLU A 446 32.94 -8.02 27.29
C GLU A 446 32.68 -9.50 27.01
N ASN A 447 31.98 -10.17 27.93
CA ASN A 447 31.79 -11.62 27.85
C ASN A 447 30.40 -12.04 27.34
N GLY A 448 29.61 -11.07 26.84
CA GLY A 448 28.27 -11.35 26.34
C GLY A 448 28.30 -11.90 24.92
N PRO A 449 27.16 -12.41 24.44
CA PRO A 449 27.10 -12.89 23.05
C PRO A 449 27.42 -11.76 22.06
N ASN A 450 28.47 -11.97 21.26
CA ASN A 450 28.94 -10.98 20.28
C ASN A 450 29.32 -9.63 20.86
N GLY A 451 29.78 -9.60 22.12
CA GLY A 451 30.10 -8.34 22.80
C GLY A 451 28.89 -7.55 23.29
N ILE A 452 27.71 -8.18 23.31
CA ILE A 452 26.46 -7.55 23.72
C ILE A 452 26.00 -8.17 25.05
N SER A 453 25.37 -7.37 25.91
CA SER A 453 24.76 -7.82 27.17
C SER A 453 23.76 -8.97 26.96
N ALA A 454 23.98 -10.09 27.64
CA ALA A 454 23.09 -11.26 27.56
C ALA A 454 21.61 -10.94 27.78
N GLU A 455 21.32 -10.07 28.74
CA GLU A 455 19.93 -9.65 29.00
C GLU A 455 19.33 -8.95 27.78
N VAL A 456 20.11 -8.09 27.14
CA VAL A 456 19.63 -7.33 25.97
C VAL A 456 19.42 -8.24 24.76
N MET A 457 20.35 -9.17 24.52
CA MET A 457 20.15 -10.18 23.49
C MET A 457 18.97 -11.10 23.81
N ASP A 458 18.86 -11.56 25.06
CA ASP A 458 17.70 -12.39 25.47
C ASP A 458 16.37 -11.69 25.16
N THR A 459 16.31 -10.41 25.52
CA THR A 459 15.12 -9.59 25.28
C THR A 459 14.89 -9.44 23.76
N TYR A 460 15.96 -9.24 23.02
CA TYR A 460 15.84 -9.10 21.56
C TYR A 460 15.32 -10.37 20.87
N VAL A 461 15.92 -11.51 21.17
CA VAL A 461 15.47 -12.78 20.61
C VAL A 461 13.98 -13.05 20.91
N LYS A 462 13.60 -12.90 22.16
CA LYS A 462 12.20 -13.12 22.57
C LYS A 462 11.20 -12.18 21.91
N SER A 463 11.54 -10.89 21.84
CA SER A 463 10.63 -9.90 21.24
C SER A 463 10.50 -10.13 19.73
N CYS A 464 11.62 -10.45 19.07
CA CYS A 464 11.58 -10.86 17.66
C CYS A 464 10.61 -12.02 17.47
N ALA A 465 10.71 -13.02 18.33
CA ALA A 465 9.90 -14.24 18.14
C ALA A 465 8.45 -13.92 18.38
N GLY A 466 8.19 -13.25 19.50
CA GLY A 466 6.86 -12.79 19.83
C GLY A 466 6.19 -12.04 18.70
N TYR A 467 6.89 -11.05 18.15
CA TYR A 467 6.31 -10.27 17.06
C TYR A 467 6.19 -11.00 15.75
N CYS A 468 7.05 -11.99 15.50
CA CYS A 468 6.99 -12.74 14.26
C CYS A 468 5.75 -13.62 14.25
N VAL A 469 5.41 -14.21 15.41
CA VAL A 469 4.20 -15.01 15.52
C VAL A 469 2.93 -14.12 15.58
N ILE A 470 2.99 -13.01 16.30
CA ILE A 470 1.80 -12.13 16.41
C ILE A 470 1.42 -11.45 15.07
N THR A 471 2.41 -10.95 14.33
CA THR A 471 2.12 -10.30 13.04
C THR A 471 1.71 -11.30 11.96
N TYR A 472 2.20 -12.54 12.07
CA TYR A 472 1.70 -13.63 11.25
C TYR A 472 0.21 -13.95 11.58
N ILE A 473 -0.17 -14.07 12.85
CA ILE A 473 -1.58 -14.33 13.19
C ILE A 473 -2.50 -13.20 12.75
N LEU A 474 -2.10 -11.95 13.02
CA LEU A 474 -2.93 -10.80 12.65
C LEU A 474 -2.81 -10.38 11.16
N GLY A 475 -1.94 -11.04 10.38
CA GLY A 475 -1.84 -10.77 8.95
C GLY A 475 -1.38 -9.36 8.62
N VAL A 476 -0.50 -8.80 9.46
CA VAL A 476 -0.01 -7.43 9.33
C VAL A 476 0.86 -7.27 8.10
N GLY A 477 0.51 -6.31 7.26
CA GLY A 477 1.26 -6.00 6.04
C GLY A 477 2.03 -4.70 6.10
N ASP A 478 2.58 -4.30 4.97
CA ASP A 478 3.28 -3.03 4.82
C ASP A 478 4.41 -2.91 5.86
N ARG A 479 5.22 -3.96 5.97
CA ARG A 479 6.31 -4.02 6.95
C ARG A 479 7.63 -3.56 6.31
N HIS A 480 8.21 -2.52 6.89
CA HIS A 480 9.49 -1.98 6.44
C HIS A 480 10.27 -1.47 7.64
N LEU A 481 11.47 -0.96 7.40
CA LEU A 481 12.39 -0.64 8.48
C LEU A 481 12.05 0.64 9.24
N ASP A 482 11.11 1.42 8.73
CA ASP A 482 10.59 2.60 9.46
C ASP A 482 9.37 2.31 10.34
N ASN A 483 8.77 1.12 10.24
CA ASN A 483 7.73 0.75 11.19
C ASN A 483 8.10 -0.46 12.05
N LEU A 484 9.40 -0.76 12.08
CA LEU A 484 9.98 -1.72 12.99
C LEU A 484 10.89 -0.90 13.92
N LEU A 485 10.62 -0.92 15.22
CA LEU A 485 11.34 -0.08 16.18
C LEU A 485 12.13 -0.88 17.19
N LEU A 486 13.13 -0.25 17.79
CA LEU A 486 14.06 -0.93 18.69
C LEU A 486 14.44 -0.03 19.86
N THR A 487 14.52 -0.62 21.05
CA THR A 487 15.01 0.09 22.23
C THR A 487 16.42 -0.38 22.56
N LYS A 488 17.09 0.43 23.38
CA LYS A 488 18.43 0.13 23.86
C LYS A 488 18.44 -1.02 24.88
N THR A 489 17.31 -1.38 25.44
CA THR A 489 17.19 -2.55 26.30
C THR A 489 16.93 -3.85 25.49
N GLY A 490 16.86 -3.76 24.16
CA GLY A 490 16.76 -4.95 23.34
C GLY A 490 15.37 -5.27 22.83
N LYS A 491 14.37 -4.48 23.20
CA LYS A 491 13.01 -4.75 22.73
C LYS A 491 12.82 -4.33 21.28
N LEU A 492 12.36 -5.26 20.47
CA LEU A 492 11.96 -4.97 19.10
C LEU A 492 10.46 -4.96 19.06
N PHE A 493 9.89 -3.99 18.36
CA PHE A 493 8.44 -3.94 18.21
C PHE A 493 7.96 -3.30 16.92
N HIS A 494 6.69 -3.53 16.62
CA HIS A 494 6.03 -3.01 15.44
C HIS A 494 5.09 -1.82 15.75
N ILE A 495 5.00 -0.89 14.80
CA ILE A 495 4.03 0.20 14.84
C ILE A 495 3.27 0.29 13.51
N ASP A 496 2.18 1.04 13.51
CA ASP A 496 1.48 1.50 12.31
C ASP A 496 0.79 0.40 11.53
N PHE A 497 -0.36 -0.03 12.06
CA PHE A 497 -1.06 -1.20 11.53
C PHE A 497 -2.19 -0.85 10.56
N GLY A 498 -1.87 -0.07 9.53
CA GLY A 498 -2.84 0.30 8.48
C GLY A 498 -3.16 -0.80 7.48
N TYR A 499 -2.41 -1.90 7.52
CA TYR A 499 -2.65 -3.07 6.67
C TYR A 499 -2.64 -4.31 7.56
N ILE A 500 -3.80 -4.94 7.73
CA ILE A 500 -3.93 -6.18 8.50
C ILE A 500 -4.77 -7.20 7.78
N LEU A 501 -4.80 -8.42 8.33
CA LEU A 501 -5.66 -9.50 7.86
C LEU A 501 -5.34 -9.92 6.42
N GLY A 502 -4.07 -9.83 6.03
CA GLY A 502 -3.62 -10.25 4.70
C GLY A 502 -3.43 -9.15 3.67
N ARG A 503 -4.10 -8.01 3.84
CA ARG A 503 -3.88 -6.84 2.98
C ARG A 503 -2.43 -6.38 3.02
N ASP A 504 -1.98 -5.88 1.87
CA ASP A 504 -0.64 -5.35 1.70
C ASP A 504 -0.68 -4.35 0.53
N PRO A 505 0.22 -3.35 0.51
CA PRO A 505 0.25 -2.46 -0.66
C PRO A 505 0.82 -3.12 -1.92
N LYS A 506 1.62 -4.18 -1.72
CA LYS A 506 2.17 -4.98 -2.81
C LYS A 506 1.35 -6.26 -3.01
N PRO A 507 1.49 -6.91 -4.19
CA PRO A 507 0.82 -8.20 -4.39
C PRO A 507 1.58 -9.34 -3.72
N LEU A 508 0.94 -10.51 -3.61
CA LEU A 508 1.54 -11.72 -3.02
C LEU A 508 2.61 -11.46 -1.94
N PRO A 509 2.20 -10.95 -0.76
CA PRO A 509 3.16 -10.72 0.32
C PRO A 509 3.51 -11.99 1.10
N PRO A 510 4.77 -12.13 1.54
CA PRO A 510 5.17 -13.31 2.30
C PRO A 510 4.38 -13.39 3.61
N PRO A 511 3.98 -14.61 4.04
CA PRO A 511 3.14 -14.77 5.24
C PRO A 511 3.90 -14.51 6.54
N MET A 512 5.20 -14.78 6.56
CA MET A 512 6.03 -14.54 7.73
C MET A 512 6.88 -13.28 7.49
N LYS A 513 6.72 -12.28 8.33
CA LYS A 513 7.36 -10.98 8.16
C LYS A 513 8.67 -10.91 8.96
N LEU A 514 9.68 -11.61 8.45
CA LEU A 514 11.01 -11.57 9.04
C LEU A 514 11.94 -11.03 7.96
N ASN A 515 12.86 -10.13 8.34
CA ASN A 515 13.86 -9.60 7.40
C ASN A 515 15.31 -9.94 7.77
N LYS A 516 16.23 -9.61 6.86
CA LYS A 516 17.65 -9.94 7.01
C LYS A 516 18.29 -9.27 8.22
N GLU A 517 17.97 -8.00 8.44
CA GLU A 517 18.64 -7.26 9.52
C GLU A 517 18.20 -7.77 10.90
N MET A 518 16.98 -8.31 10.99
CA MET A 518 16.54 -9.00 12.19
C MET A 518 17.41 -10.22 12.51
N VAL A 519 17.62 -11.07 11.51
CA VAL A 519 18.44 -12.27 11.65
C VAL A 519 19.90 -11.93 11.96
N GLU A 520 20.46 -10.95 11.25
CA GLU A 520 21.80 -10.47 11.57
C GLU A 520 21.88 -9.98 13.03
N GLY A 521 20.85 -9.30 13.51
CA GLY A 521 20.77 -8.89 14.92
C GLY A 521 20.94 -10.03 15.93
N MET A 522 20.40 -11.20 15.61
CA MET A 522 20.60 -12.40 16.41
C MET A 522 21.98 -13.02 16.18
N GLY A 523 22.76 -12.50 15.24
CA GLY A 523 24.07 -13.09 14.90
C GLY A 523 24.01 -14.13 13.79
N GLY A 524 22.91 -14.13 13.03
CA GLY A 524 22.84 -14.96 11.83
C GLY A 524 22.29 -16.35 12.07
N THR A 525 22.16 -17.09 10.97
CA THR A 525 21.43 -18.35 10.95
C THR A 525 22.14 -19.50 11.66
N GLN A 526 23.42 -19.36 11.93
CA GLN A 526 24.18 -20.44 12.56
C GLN A 526 24.44 -20.15 14.05
N SER A 527 23.81 -19.13 14.61
CA SER A 527 24.02 -18.78 16.02
C SER A 527 23.09 -19.55 16.96
N GLU A 528 23.46 -19.58 18.23
CA GLU A 528 22.62 -20.12 19.30
C GLU A 528 21.37 -19.27 19.48
N GLN A 529 21.52 -17.96 19.29
CA GLN A 529 20.39 -17.03 19.43
C GLN A 529 19.28 -17.41 18.45
N TYR A 530 19.67 -17.75 17.22
CA TYR A 530 18.74 -18.12 16.18
C TYR A 530 18.00 -19.39 16.51
N GLN A 531 18.68 -20.38 17.09
CA GLN A 531 18.01 -21.58 17.55
C GLN A 531 16.95 -21.26 18.61
N GLU A 532 17.31 -20.42 19.58
CA GLU A 532 16.35 -19.99 20.62
C GLU A 532 15.17 -19.21 20.02
N PHE A 533 15.44 -18.36 19.04
CA PHE A 533 14.37 -17.64 18.33
C PHE A 533 13.34 -18.63 17.79
N ARG A 534 13.80 -19.66 17.10
CA ARG A 534 12.89 -20.64 16.51
C ARG A 534 12.03 -21.31 17.56
N LYS A 535 12.67 -21.70 18.66
CA LYS A 535 11.97 -22.36 19.75
C LYS A 535 10.89 -21.47 20.34
N GLN A 536 11.25 -20.22 20.59
CA GLN A 536 10.28 -19.24 21.13
C GLN A 536 9.13 -19.00 20.16
N CYS A 537 9.41 -18.96 18.87
CA CYS A 537 8.33 -18.84 17.88
C CYS A 537 7.34 -19.98 17.99
N TYR A 538 7.81 -21.23 17.94
CA TYR A 538 6.84 -22.33 17.91
C TYR A 538 6.13 -22.56 19.23
N THR A 539 6.77 -22.17 20.32
CA THR A 539 6.20 -22.29 21.66
C THR A 539 5.12 -21.24 21.83
N ALA A 540 5.38 -20.02 21.37
CA ALA A 540 4.37 -18.95 21.40
C ALA A 540 3.15 -19.32 20.55
N PHE A 541 3.40 -19.93 19.40
CA PHE A 541 2.33 -20.36 18.49
C PHE A 541 1.39 -21.40 19.11
N LEU A 542 1.97 -22.43 19.76
CA LEU A 542 1.16 -23.46 20.43
C LEU A 542 0.30 -22.87 21.57
N HIS A 543 0.88 -21.98 22.38
CA HIS A 543 0.13 -21.27 23.43
C HIS A 543 -1.05 -20.45 22.93
N LEU A 544 -0.84 -19.65 21.89
CA LEU A 544 -1.92 -18.81 21.39
C LEU A 544 -3.03 -19.67 20.75
N ARG A 545 -2.65 -20.79 20.13
CA ARG A 545 -3.62 -21.74 19.59
C ARG A 545 -4.56 -22.29 20.66
N ARG A 546 -4.07 -22.49 21.89
CA ARG A 546 -4.92 -22.97 22.99
C ARG A 546 -6.00 -21.97 23.38
N TYR A 547 -5.78 -20.70 23.05
CA TYR A 547 -6.76 -19.63 23.29
C TYR A 547 -7.49 -19.23 22.01
N SER A 548 -7.52 -20.11 21.01
CA SER A 548 -8.17 -19.79 19.74
C SER A 548 -9.62 -19.41 19.92
N ASN A 549 -10.33 -20.11 20.81
CA ASN A 549 -11.76 -19.83 21.05
C ASN A 549 -12.03 -18.40 21.53
N LEU A 550 -11.28 -17.95 22.53
CA LEU A 550 -11.42 -16.58 23.03
C LEU A 550 -11.12 -15.55 21.94
N ILE A 551 -10.01 -15.76 21.25
CA ILE A 551 -9.53 -14.82 20.24
C ILE A 551 -10.53 -14.77 19.07
N LEU A 552 -10.98 -15.93 18.61
CA LEU A 552 -11.98 -15.96 17.57
C LEU A 552 -13.30 -15.33 18.04
N ASN A 553 -13.70 -15.61 19.28
CA ASN A 553 -14.95 -15.03 19.81
C ASN A 553 -14.88 -13.50 19.84
N LEU A 554 -13.72 -12.97 20.16
CA LEU A 554 -13.55 -11.53 20.19
C LEU A 554 -13.59 -10.93 18.81
N PHE A 555 -12.95 -11.58 17.84
CA PHE A 555 -13.05 -11.11 16.46
C PHE A 555 -14.46 -11.22 15.91
N SER A 556 -15.21 -12.24 16.33
CA SER A 556 -16.61 -12.33 15.91
C SER A 556 -17.43 -11.11 16.35
N LEU A 557 -17.07 -10.49 17.48
CA LEU A 557 -17.77 -9.29 17.96
C LEU A 557 -17.35 -8.00 17.23
N MET A 558 -16.31 -8.08 16.39
CA MET A 558 -15.80 -6.92 15.65
C MET A 558 -16.32 -6.87 14.20
N VAL A 559 -17.05 -7.90 13.76
CA VAL A 559 -17.38 -8.02 12.33
C VAL A 559 -18.18 -6.85 11.75
N ASP A 560 -18.90 -6.10 12.59
CA ASP A 560 -19.65 -4.94 12.12
C ASP A 560 -19.06 -3.60 12.54
N ALA A 561 -17.85 -3.60 13.07
CA ALA A 561 -17.17 -2.34 13.41
C ALA A 561 -16.70 -1.67 12.12
N ASN A 562 -16.66 -0.35 12.11
CA ASN A 562 -16.10 0.38 10.96
C ASN A 562 -14.58 0.47 11.08
N ILE A 563 -13.95 -0.69 10.94
CA ILE A 563 -12.50 -0.85 10.90
C ILE A 563 -12.21 -1.23 9.43
N PRO A 564 -11.39 -0.43 8.70
CA PRO A 564 -11.29 -0.62 7.25
C PRO A 564 -11.00 -2.04 6.75
N ASP A 565 -10.00 -2.72 7.31
CA ASP A 565 -9.64 -4.06 6.83
C ASP A 565 -10.65 -5.15 7.25
N ILE A 566 -11.52 -4.85 8.21
CA ILE A 566 -12.63 -5.73 8.53
C ILE A 566 -13.82 -5.46 7.62
N ALA A 567 -14.15 -4.18 7.43
CA ALA A 567 -15.33 -3.76 6.64
C ALA A 567 -15.26 -4.14 5.15
N LEU A 568 -14.05 -4.27 4.61
CA LEU A 568 -13.87 -4.75 3.23
C LEU A 568 -14.57 -6.09 2.98
N GLU A 569 -14.37 -7.03 3.89
CA GLU A 569 -15.03 -8.35 3.81
C GLU A 569 -15.43 -8.84 5.21
N PRO A 570 -16.48 -8.24 5.80
CA PRO A 570 -16.86 -8.56 7.18
C PRO A 570 -17.09 -10.06 7.42
N ASP A 571 -17.69 -10.73 6.44
CA ASP A 571 -18.07 -12.13 6.54
C ASP A 571 -16.91 -13.14 6.45
N LYS A 572 -15.76 -12.70 5.95
CA LYS A 572 -14.58 -13.57 5.85
C LYS A 572 -13.52 -13.18 6.89
N THR A 573 -13.86 -12.27 7.80
CA THR A 573 -12.88 -11.70 8.72
C THR A 573 -12.35 -12.71 9.73
N VAL A 574 -13.25 -13.50 10.32
CA VAL A 574 -12.89 -14.41 11.40
C VAL A 574 -12.05 -15.57 10.86
N LYS A 575 -12.48 -16.11 9.73
CA LYS A 575 -11.75 -17.17 9.03
C LYS A 575 -10.31 -16.77 8.68
N LYS A 576 -10.08 -15.54 8.27
CA LYS A 576 -8.71 -15.07 8.00
C LYS A 576 -7.81 -15.19 9.25
N VAL A 577 -8.37 -14.94 10.43
CA VAL A 577 -7.64 -15.19 11.69
C VAL A 577 -7.56 -16.69 11.98
N GLN A 578 -8.69 -17.37 11.88
CA GLN A 578 -8.78 -18.79 12.19
C GLN A 578 -7.82 -19.65 11.36
N ASP A 579 -7.70 -19.36 10.06
CA ASP A 579 -6.76 -20.10 9.21
C ASP A 579 -5.30 -20.04 9.71
N LYS A 580 -4.92 -18.91 10.31
CA LYS A 580 -3.53 -18.72 10.78
C LYS A 580 -3.16 -19.68 11.91
N PHE A 581 -4.14 -20.03 12.75
CA PHE A 581 -3.95 -20.99 13.83
C PHE A 581 -3.72 -22.43 13.35
N ARG A 582 -4.05 -22.74 12.10
CA ARG A 582 -3.96 -24.09 11.55
C ARG A 582 -4.48 -25.17 12.51
N LEU A 583 -5.71 -24.96 12.97
CA LEU A 583 -6.39 -25.89 13.90
C LEU A 583 -6.67 -27.26 13.27
N ASP A 584 -6.51 -27.37 11.95
CA ASP A 584 -6.52 -28.67 11.26
C ASP A 584 -5.27 -29.52 11.56
N LEU A 585 -4.21 -28.89 12.08
CA LEU A 585 -2.97 -29.59 12.41
C LEU A 585 -2.88 -29.90 13.91
N SER A 586 -2.26 -31.04 14.24
CA SER A 586 -1.88 -31.34 15.62
C SER A 586 -0.71 -30.44 16.08
N ASP A 587 -0.47 -30.41 17.39
CA ASP A 587 0.61 -29.59 17.95
C ASP A 587 1.95 -29.91 17.30
N GLU A 588 2.27 -31.19 17.16
CA GLU A 588 3.52 -31.56 16.51
C GLU A 588 3.59 -31.00 15.08
N GLU A 589 2.52 -31.19 14.31
CA GLU A 589 2.50 -30.74 12.92
C GLU A 589 2.58 -29.22 12.82
N ALA A 590 1.98 -28.52 13.78
CA ALA A 590 1.96 -27.07 13.81
C ALA A 590 3.35 -26.49 14.09
N VAL A 591 4.13 -27.21 14.88
CA VAL A 591 5.51 -26.82 15.14
C VAL A 591 6.33 -26.87 13.86
N HIS A 592 6.13 -27.91 13.06
CA HIS A 592 6.89 -28.06 11.81
C HIS A 592 6.41 -27.09 10.75
N TYR A 593 5.12 -26.76 10.79
CA TYR A 593 4.56 -25.73 9.89
C TYR A 593 5.19 -24.36 10.19
N MET A 594 5.32 -24.03 11.47
CA MET A 594 5.97 -22.80 11.88
C MET A 594 7.47 -22.75 11.51
N GLN A 595 8.17 -23.86 11.73
CA GLN A 595 9.56 -23.97 11.28
C GLN A 595 9.67 -23.77 9.76
N SER A 596 8.73 -24.35 9.01
CA SER A 596 8.68 -24.16 7.56
C SER A 596 8.47 -22.69 7.18
N LEU A 597 7.62 -21.99 7.93
CA LEU A 597 7.38 -20.58 7.67
C LEU A 597 8.64 -19.78 7.87
N ILE A 598 9.43 -20.12 8.90
CA ILE A 598 10.67 -19.40 9.17
C ILE A 598 11.76 -19.74 8.13
N ASP A 599 11.90 -21.02 7.79
CA ASP A 599 12.86 -21.47 6.78
C ASP A 599 12.58 -20.90 5.40
N GLU A 600 11.31 -20.82 5.02
CA GLU A 600 10.93 -20.33 3.69
C GLU A 600 11.25 -18.84 3.58
N SER A 601 10.97 -18.09 4.64
CA SER A 601 11.30 -16.66 4.67
CA SER A 601 11.29 -16.67 4.71
C SER A 601 12.81 -16.40 4.66
N VAL A 602 13.54 -17.12 5.49
CA VAL A 602 14.99 -16.92 5.63
C VAL A 602 15.76 -17.34 4.37
N HIS A 603 15.32 -18.41 3.72
CA HIS A 603 15.92 -18.82 2.46
C HIS A 603 15.75 -17.72 1.41
N ALA A 604 14.53 -17.18 1.28
CA ALA A 604 14.28 -16.10 0.33
C ALA A 604 15.20 -14.89 0.57
N LEU A 605 15.40 -14.54 1.85
CA LEU A 605 16.21 -13.37 2.22
C LEU A 605 17.69 -13.44 1.85
N PHE A 606 18.22 -14.64 1.59
CA PHE A 606 19.67 -14.80 1.40
C PHE A 606 20.05 -15.33 0.01
N LEU B 31 -20.69 3.81 -42.64
CA LEU B 31 -19.30 3.33 -42.87
C LEU B 31 -18.26 4.29 -42.27
N ASN B 32 -18.58 5.58 -42.23
CA ASN B 32 -17.71 6.56 -41.58
C ASN B 32 -17.67 6.35 -40.07
N ILE B 33 -18.78 5.83 -39.51
CA ILE B 33 -18.83 5.45 -38.11
C ILE B 33 -17.91 4.25 -37.84
N ILE B 34 -17.90 3.29 -38.76
CA ILE B 34 -17.11 2.06 -38.60
C ILE B 34 -15.60 2.31 -38.75
N VAL B 35 -15.23 3.24 -39.62
CA VAL B 35 -13.82 3.59 -39.81
C VAL B 35 -13.26 4.44 -38.67
N SER B 36 -14.09 5.30 -38.09
CA SER B 36 -13.64 6.21 -37.03
C SER B 36 -13.39 5.50 -35.69
N TYR B 37 -13.87 4.26 -35.57
CA TYR B 37 -13.69 3.46 -34.34
C TYR B 37 -12.24 3.38 -33.88
N PRO B 38 -12.02 3.05 -32.60
CA PRO B 38 -10.68 2.71 -32.12
C PRO B 38 -10.28 1.30 -32.55
N PRO B 39 -8.98 0.98 -32.48
CA PRO B 39 -8.47 -0.26 -33.07
C PRO B 39 -8.83 -1.56 -32.32
N THR B 40 -9.28 -1.46 -31.07
CA THR B 40 -9.64 -2.64 -30.28
C THR B 40 -11.15 -2.90 -30.25
N LYS B 41 -11.94 -2.02 -30.88
CA LYS B 41 -13.39 -2.18 -30.90
C LYS B 41 -13.80 -3.38 -31.73
N GLN B 42 -14.61 -4.26 -31.15
CA GLN B 42 -15.10 -5.44 -31.85
C GLN B 42 -16.21 -5.08 -32.82
N LEU B 43 -16.19 -5.70 -34.00
CA LEU B 43 -17.23 -5.50 -35.01
C LEU B 43 -18.15 -6.70 -35.09
N THR B 44 -19.46 -6.46 -34.99
CA THR B 44 -20.45 -7.54 -35.12
C THR B 44 -20.55 -8.02 -36.56
N TYR B 45 -21.23 -9.15 -36.76
CA TYR B 45 -21.36 -9.76 -38.09
C TYR B 45 -21.98 -8.79 -39.11
N GLU B 46 -22.95 -8.01 -38.65
CA GLU B 46 -23.63 -7.03 -39.50
C GLU B 46 -22.67 -5.91 -39.90
N GLU B 47 -21.84 -5.47 -38.96
CA GLU B 47 -20.78 -4.50 -39.26
C GLU B 47 -19.73 -5.10 -40.20
N GLN B 48 -19.40 -6.37 -39.99
CA GLN B 48 -18.37 -7.05 -40.80
C GLN B 48 -18.83 -7.33 -42.24
N ASP B 49 -20.08 -7.79 -42.39
CA ASP B 49 -20.65 -8.04 -43.72
C ASP B 49 -20.76 -6.74 -44.54
N LEU B 50 -21.02 -5.64 -43.85
CA LEU B 50 -21.09 -4.32 -44.47
C LEU B 50 -19.72 -3.88 -44.99
N VAL B 51 -18.69 -4.08 -44.17
CA VAL B 51 -17.31 -3.79 -44.57
C VAL B 51 -16.88 -4.71 -45.70
N TRP B 52 -17.21 -6.00 -45.58
CA TRP B 52 -16.80 -7.01 -46.55
C TRP B 52 -17.40 -6.78 -47.93
N LYS B 53 -18.67 -6.37 -47.99
CA LYS B 53 -19.36 -6.24 -49.28
C LYS B 53 -18.87 -5.03 -50.08
N PHE B 54 -18.80 -3.86 -49.44
CA PHE B 54 -18.31 -2.64 -50.10
C PHE B 54 -16.79 -2.48 -49.88
N ARG B 55 -16.05 -3.57 -50.06
CA ARG B 55 -14.60 -3.57 -49.81
C ARG B 55 -13.81 -2.85 -50.91
N TYR B 56 -14.31 -2.93 -52.14
CA TYR B 56 -13.66 -2.25 -53.27
C TYR B 56 -13.77 -0.74 -53.18
N TYR B 57 -14.92 -0.26 -52.69
CA TYR B 57 -15.12 1.18 -52.46
C TYR B 57 -14.20 1.71 -51.35
N LEU B 58 -14.01 0.91 -50.31
CA LEU B 58 -13.20 1.31 -49.15
C LEU B 58 -11.70 1.46 -49.45
N THR B 59 -11.25 0.90 -50.57
CA THR B 59 -9.86 0.97 -51.00
C THR B 59 -9.34 2.40 -51.20
N ASN B 60 -10.26 3.35 -51.32
CA ASN B 60 -9.93 4.77 -51.41
C ASN B 60 -9.53 5.37 -50.05
N GLN B 61 -9.97 4.73 -48.95
CA GLN B 61 -9.77 5.24 -47.60
C GLN B 61 -8.73 4.44 -46.81
N GLU B 62 -7.53 5.01 -46.67
CA GLU B 62 -6.40 4.32 -46.02
C GLU B 62 -6.68 3.86 -44.57
N LYS B 63 -7.53 4.59 -43.86
CA LYS B 63 -7.90 4.23 -42.49
C LYS B 63 -8.84 3.02 -42.41
N ALA B 64 -9.47 2.65 -43.52
CA ALA B 64 -10.44 1.55 -43.55
C ALA B 64 -9.79 0.18 -43.63
N LEU B 65 -8.51 0.13 -44.01
CA LEU B 65 -7.81 -1.13 -44.26
C LEU B 65 -7.74 -2.05 -43.03
N THR B 66 -7.47 -1.49 -41.85
CA THR B 66 -7.37 -2.30 -40.63
C THR B 66 -8.71 -2.94 -40.33
N LYS B 67 -9.78 -2.19 -40.49
CA LYS B 67 -11.12 -2.71 -40.26
C LYS B 67 -11.46 -3.83 -41.24
N PHE B 68 -10.97 -3.71 -42.48
CA PHE B 68 -11.23 -4.73 -43.48
C PHE B 68 -10.57 -6.06 -43.13
N LEU B 69 -9.32 -6.00 -42.71
CA LEU B 69 -8.55 -7.21 -42.41
C LEU B 69 -9.13 -8.01 -41.25
N LYS B 70 -9.83 -7.31 -40.35
CA LYS B 70 -10.48 -7.95 -39.20
C LYS B 70 -11.86 -8.56 -39.54
N CYS B 71 -12.38 -8.24 -40.73
CA CYS B 71 -13.66 -8.79 -41.21
CA CYS B 71 -13.66 -8.81 -41.17
C CYS B 71 -13.45 -10.02 -42.10
N VAL B 72 -12.19 -10.34 -42.37
CA VAL B 72 -11.85 -11.46 -43.25
C VAL B 72 -11.87 -12.78 -42.48
N ASN B 73 -12.59 -13.76 -43.02
CA ASN B 73 -12.53 -15.14 -42.52
C ASN B 73 -11.35 -15.85 -43.16
N TRP B 74 -10.23 -15.89 -42.44
CA TRP B 74 -8.96 -16.39 -42.97
C TRP B 74 -8.87 -17.91 -43.10
N ASP B 75 -9.79 -18.64 -42.46
CA ASP B 75 -9.81 -20.09 -42.56
C ASP B 75 -10.14 -20.56 -43.99
N LEU B 76 -11.18 -19.97 -44.58
CA LEU B 76 -11.54 -20.26 -45.97
C LEU B 76 -10.50 -19.62 -46.91
N PRO B 77 -9.75 -20.46 -47.67
CA PRO B 77 -8.70 -19.91 -48.54
C PRO B 77 -9.20 -18.89 -49.58
N GLN B 78 -10.46 -19.00 -49.98
CA GLN B 78 -11.04 -18.11 -50.98
C GLN B 78 -11.07 -16.66 -50.51
N GLU B 79 -11.48 -16.44 -49.25
CA GLU B 79 -11.47 -15.11 -48.66
C GLU B 79 -10.05 -14.63 -48.40
N ALA B 80 -9.13 -15.57 -48.11
CA ALA B 80 -7.72 -15.24 -47.88
C ALA B 80 -7.05 -14.69 -49.13
N LYS B 81 -7.15 -15.44 -50.22
CA LYS B 81 -6.60 -15.02 -51.52
C LYS B 81 -7.01 -13.59 -51.85
N GLN B 82 -8.32 -13.35 -51.87
CA GLN B 82 -8.87 -12.05 -52.22
C GLN B 82 -8.57 -10.96 -51.20
N ALA B 83 -8.37 -11.35 -49.94
CA ALA B 83 -7.98 -10.39 -48.90
C ALA B 83 -6.58 -9.83 -49.15
N LEU B 84 -5.66 -10.71 -49.51
CA LEU B 84 -4.28 -10.32 -49.80
C LEU B 84 -4.15 -9.54 -51.12
N GLU B 85 -5.04 -9.84 -52.07
CA GLU B 85 -5.05 -9.14 -53.36
C GLU B 85 -5.39 -7.66 -53.16
N LEU B 86 -6.39 -7.38 -52.32
CA LEU B 86 -6.81 -6.01 -52.03
C LEU B 86 -5.81 -5.25 -51.15
N LEU B 87 -5.07 -5.98 -50.30
CA LEU B 87 -4.07 -5.37 -49.45
C LEU B 87 -3.01 -4.62 -50.28
N GLY B 88 -2.61 -5.21 -51.41
CA GLY B 88 -1.68 -4.58 -52.34
C GLY B 88 -2.26 -3.37 -53.07
N LYS B 89 -3.53 -3.46 -53.44
CA LYS B 89 -4.20 -2.38 -54.18
C LYS B 89 -4.85 -1.32 -53.28
N TRP B 90 -4.87 -1.56 -51.97
CA TRP B 90 -5.44 -0.60 -51.03
C TRP B 90 -4.49 0.59 -50.90
N LYS B 91 -5.05 1.79 -50.78
CA LYS B 91 -4.24 2.99 -50.54
C LYS B 91 -3.43 2.78 -49.25
N PRO B 92 -2.09 2.89 -49.33
CA PRO B 92 -1.22 2.46 -48.24
C PRO B 92 -1.54 3.10 -46.89
N MET B 93 -1.57 2.29 -45.84
CA MET B 93 -1.97 2.77 -44.50
C MET B 93 -0.86 3.55 -43.78
N ASP B 94 -1.27 4.40 -42.84
CA ASP B 94 -0.35 5.22 -42.05
C ASP B 94 0.59 4.36 -41.20
N VAL B 95 1.62 4.99 -40.62
CA VAL B 95 2.53 4.30 -39.71
C VAL B 95 1.83 3.87 -38.43
N GLU B 96 1.06 4.80 -37.85
CA GLU B 96 0.34 4.53 -36.60
C GLU B 96 -0.57 3.31 -36.67
N ASP B 97 -1.17 3.09 -37.85
CA ASP B 97 -2.07 1.96 -38.06
C ASP B 97 -1.33 0.65 -38.29
N SER B 98 -0.11 0.71 -38.83
CA SER B 98 0.67 -0.51 -39.09
C SER B 98 1.05 -1.25 -37.80
N LEU B 99 1.08 -0.53 -36.68
CA LEU B 99 1.39 -1.12 -35.39
C LEU B 99 0.33 -2.14 -34.94
N GLU B 100 -0.92 -1.92 -35.33
CA GLU B 100 -2.00 -2.86 -35.05
C GLU B 100 -1.70 -4.23 -35.66
N LEU B 101 -1.24 -4.23 -36.91
CA LEU B 101 -0.98 -5.48 -37.63
C LEU B 101 0.25 -6.24 -37.12
N LEU B 102 0.97 -5.69 -36.15
CA LEU B 102 2.05 -6.41 -35.50
C LEU B 102 1.62 -7.02 -34.17
N SER B 103 0.36 -6.83 -33.79
CA SER B 103 -0.17 -7.39 -32.55
C SER B 103 -0.44 -8.88 -32.68
N SER B 104 -0.80 -9.51 -31.57
CA SER B 104 -0.98 -10.95 -31.49
C SER B 104 -2.18 -11.43 -32.31
N HIS B 105 -3.11 -10.52 -32.61
CA HIS B 105 -4.29 -10.85 -33.40
C HIS B 105 -3.97 -11.28 -34.84
N TYR B 106 -2.83 -10.83 -35.37
CA TYR B 106 -2.45 -11.15 -36.75
C TYR B 106 -1.29 -12.15 -36.84
N THR B 107 -1.57 -13.32 -37.42
CA THR B 107 -0.58 -14.38 -37.67
C THR B 107 -0.30 -14.63 -39.16
N ASN B 108 -1.19 -14.19 -40.05
CA ASN B 108 -0.95 -14.27 -41.49
C ASN B 108 0.36 -13.55 -41.85
N PRO B 109 1.28 -14.22 -42.58
CA PRO B 109 2.60 -13.64 -42.81
C PRO B 109 2.64 -12.47 -43.79
N THR B 110 1.82 -12.54 -44.84
CA THR B 110 1.73 -11.45 -45.82
C THR B 110 1.32 -10.15 -45.13
N VAL B 111 0.42 -10.27 -44.16
CA VAL B 111 -0.08 -9.12 -43.41
C VAL B 111 1.00 -8.56 -42.49
N ARG B 112 1.70 -9.45 -41.79
CA ARG B 112 2.80 -9.02 -40.91
C ARG B 112 3.94 -8.36 -41.69
N ARG B 113 4.28 -8.93 -42.85
CA ARG B 113 5.31 -8.34 -43.73
C ARG B 113 4.87 -7.01 -44.35
N TYR B 114 3.59 -6.89 -44.69
CA TYR B 114 3.04 -5.61 -45.13
C TYR B 114 3.20 -4.54 -44.03
N ALA B 115 2.94 -4.94 -42.79
CA ALA B 115 3.10 -4.06 -41.63
C ALA B 115 4.52 -3.51 -41.54
N VAL B 116 5.50 -4.40 -41.66
CA VAL B 116 6.91 -4.01 -41.60
C VAL B 116 7.27 -3.04 -42.74
N ALA B 117 6.72 -3.32 -43.93
CA ALA B 117 6.87 -2.44 -45.10
C ALA B 117 6.36 -1.02 -44.83
N ARG B 118 5.24 -0.92 -44.11
CA ARG B 118 4.63 0.38 -43.81
C ARG B 118 5.36 1.09 -42.68
N LEU B 119 5.85 0.32 -41.71
CA LEU B 119 6.60 0.86 -40.59
C LEU B 119 7.93 1.46 -41.07
N ARG B 120 8.50 0.83 -42.09
CA ARG B 120 9.75 1.25 -42.76
C ARG B 120 9.73 2.70 -43.25
N GLN B 121 8.54 3.26 -43.47
CA GLN B 121 8.40 4.64 -43.94
C GLN B 121 8.72 5.66 -42.84
N ALA B 122 8.57 5.27 -41.58
CA ALA B 122 8.90 6.14 -40.46
C ALA B 122 10.38 6.48 -40.48
N ASP B 123 10.72 7.72 -40.16
CA ASP B 123 12.12 8.09 -39.95
C ASP B 123 12.58 7.57 -38.59
N ASP B 124 13.89 7.65 -38.35
CA ASP B 124 14.48 7.08 -37.14
C ASP B 124 14.02 7.75 -35.84
N GLU B 125 13.64 9.02 -35.89
CA GLU B 125 13.19 9.70 -34.67
C GLU B 125 11.87 9.10 -34.16
N ASP B 126 10.94 8.86 -35.08
CA ASP B 126 9.67 8.19 -34.79
C ASP B 126 9.83 6.72 -34.39
N LEU B 127 10.70 6.00 -35.09
CA LEU B 127 10.93 4.58 -34.83
C LEU B 127 11.41 4.33 -33.41
N LEU B 128 12.27 5.22 -32.91
CA LEU B 128 12.77 5.16 -31.54
C LEU B 128 11.64 5.32 -30.52
N MET B 129 10.64 6.12 -30.85
CA MET B 129 9.51 6.33 -29.95
C MET B 129 8.72 5.03 -29.74
N TYR B 130 8.76 4.12 -30.70
CA TYR B 130 7.96 2.88 -30.65
C TYR B 130 8.82 1.66 -30.41
N LEU B 131 10.12 1.83 -30.15
CA LEU B 131 11.05 0.71 -30.21
C LEU B 131 10.79 -0.32 -29.11
N LEU B 132 10.47 0.16 -27.92
CA LEU B 132 10.23 -0.73 -26.78
C LEU B 132 9.05 -1.69 -27.04
N GLN B 133 7.97 -1.15 -27.61
CA GLN B 133 6.82 -1.96 -27.98
C GLN B 133 7.13 -2.89 -29.17
N LEU B 134 7.96 -2.44 -30.09
CA LEU B 134 8.36 -3.29 -31.21
C LEU B 134 9.24 -4.47 -30.77
N VAL B 135 10.02 -4.30 -29.70
CA VAL B 135 10.77 -5.41 -29.12
C VAL B 135 9.83 -6.45 -28.50
N GLN B 136 8.73 -5.99 -27.89
CA GLN B 136 7.73 -6.93 -27.35
C GLN B 136 6.97 -7.62 -28.47
N ALA B 137 6.77 -6.92 -29.59
CA ALA B 137 6.01 -7.45 -30.72
C ALA B 137 6.71 -8.65 -31.39
N LEU B 138 8.03 -8.75 -31.20
CA LEU B 138 8.79 -9.92 -31.66
C LEU B 138 8.21 -11.26 -31.16
N LYS B 139 7.54 -11.25 -30.00
CA LYS B 139 6.83 -12.43 -29.48
C LYS B 139 5.76 -12.96 -30.43
N TYR B 140 5.34 -12.11 -31.36
CA TYR B 140 4.21 -12.45 -32.24
C TYR B 140 4.66 -12.80 -33.66
N GLU B 141 5.98 -12.80 -33.88
CA GLU B 141 6.58 -13.10 -35.18
C GLU B 141 6.81 -14.60 -35.32
N ASN B 142 7.39 -15.03 -36.45
CA ASN B 142 7.73 -16.44 -36.66
C ASN B 142 9.10 -16.77 -36.09
N PHE B 143 9.11 -17.56 -35.02
CA PHE B 143 10.33 -17.93 -34.32
C PHE B 143 11.29 -18.76 -35.17
N ASP B 144 10.74 -19.62 -36.04
CA ASP B 144 11.58 -20.46 -36.90
C ASP B 144 12.40 -19.63 -37.90
N ASP B 145 11.81 -18.58 -38.46
CA ASP B 145 12.50 -17.73 -39.44
C ASP B 145 13.54 -16.81 -38.80
N ILE B 146 13.28 -16.37 -37.58
CA ILE B 146 14.28 -15.62 -36.81
C ILE B 146 15.51 -16.49 -36.55
N LYS B 147 15.25 -17.75 -36.19
CA LYS B 147 16.29 -18.75 -35.98
C LYS B 147 16.98 -19.16 -37.28
N ASN B 148 16.20 -19.37 -38.33
CA ASN B 148 16.74 -19.78 -39.63
C ASN B 148 17.72 -18.78 -40.24
N GLY B 149 17.48 -17.49 -40.01
CA GLY B 149 18.35 -16.42 -40.50
C GLY B 149 19.78 -16.39 -39.94
N LEU B 150 20.08 -17.26 -38.99
CA LEU B 150 21.43 -17.35 -38.42
C LEU B 150 22.41 -18.10 -39.33
N GLU B 151 21.90 -19.01 -40.17
CA GLU B 151 22.74 -19.78 -41.08
C GLU B 151 22.84 -19.11 -42.45
N LEU B 206 8.19 -6.07 -48.61
CA LEU B 206 7.67 -7.41 -48.33
C LEU B 206 8.78 -8.43 -48.05
N GLU B 207 10.02 -8.06 -48.32
CA GLU B 207 11.18 -8.94 -48.10
C GLU B 207 11.64 -9.05 -46.63
N GLN B 208 11.15 -8.16 -45.76
CA GLN B 208 11.62 -8.14 -44.37
C GLN B 208 10.56 -8.48 -43.35
N ASP B 209 10.96 -9.26 -42.34
CA ASP B 209 10.18 -9.43 -41.12
C ASP B 209 10.66 -8.41 -40.08
N LEU B 210 9.98 -8.35 -38.93
CA LEU B 210 10.26 -7.33 -37.92
C LEU B 210 11.70 -7.40 -37.42
N CYS B 211 12.16 -8.60 -37.08
CA CYS B 211 13.54 -8.79 -36.63
C CYS B 211 14.58 -8.29 -37.62
N THR B 212 14.47 -8.71 -38.88
CA THR B 212 15.45 -8.32 -39.90
C THR B 212 15.47 -6.79 -40.10
N PHE B 213 14.29 -6.17 -40.04
CA PHE B 213 14.11 -4.73 -40.18
C PHE B 213 14.77 -3.93 -39.05
N LEU B 214 14.45 -4.28 -37.81
CA LEU B 214 14.99 -3.57 -36.65
C LEU B 214 16.52 -3.61 -36.65
N ILE B 215 17.09 -4.75 -37.01
CA ILE B 215 18.55 -4.94 -37.05
C ILE B 215 19.19 -4.10 -38.16
N SER B 216 18.54 -4.11 -39.32
CA SER B 216 18.93 -3.29 -40.45
C SER B 216 18.99 -1.81 -40.10
N ARG B 217 17.97 -1.33 -39.39
CA ARG B 217 17.93 0.06 -38.98
C ARG B 217 18.98 0.35 -37.91
N ALA B 218 19.13 -0.57 -36.96
CA ALA B 218 20.13 -0.42 -35.88
C ALA B 218 21.57 -0.37 -36.43
N CYS B 219 21.82 -1.11 -37.51
CA CYS B 219 23.13 -1.11 -38.14
C CYS B 219 23.52 0.24 -38.75
N LYS B 220 22.53 1.08 -39.07
CA LYS B 220 22.76 2.41 -39.64
C LYS B 220 22.63 3.57 -38.64
N ASN B 221 22.23 3.26 -37.41
CA ASN B 221 21.94 4.31 -36.43
C ASN B 221 22.38 3.85 -35.04
N SER B 222 23.41 4.49 -34.50
CA SER B 222 24.00 4.04 -33.24
C SER B 222 23.06 4.21 -32.06
N THR B 223 22.20 5.24 -32.11
CA THR B 223 21.21 5.45 -31.07
C THR B 223 20.19 4.32 -31.06
N LEU B 224 19.69 3.93 -32.23
CA LEU B 224 18.78 2.77 -32.33
C LEU B 224 19.48 1.48 -31.91
N ALA B 225 20.75 1.31 -32.27
CA ALA B 225 21.48 0.11 -31.93
C ALA B 225 21.65 -0.04 -30.41
N ASN B 226 21.90 1.08 -29.74
CA ASN B 226 22.07 1.08 -28.31
C ASN B 226 20.80 0.60 -27.57
N TYR B 227 19.67 1.19 -27.88
CA TYR B 227 18.40 0.81 -27.26
C TYR B 227 17.94 -0.59 -27.71
N LEU B 228 18.22 -0.96 -28.95
CA LEU B 228 17.89 -2.31 -29.38
C LEU B 228 18.67 -3.31 -28.53
N TYR B 229 19.95 -3.01 -28.30
CA TYR B 229 20.77 -3.90 -27.51
C TYR B 229 20.16 -4.09 -26.13
N TRP B 230 19.91 -2.98 -25.43
CA TRP B 230 19.50 -3.04 -24.04
C TRP B 230 18.07 -3.57 -23.84
N TYR B 231 17.17 -3.30 -24.78
CA TYR B 231 15.83 -3.84 -24.68
C TYR B 231 15.81 -5.36 -24.84
N VAL B 232 16.66 -5.90 -25.70
CA VAL B 232 16.70 -7.35 -25.97
C VAL B 232 17.45 -8.12 -24.89
N ILE B 233 18.57 -7.60 -24.41
CA ILE B 233 19.32 -8.31 -23.39
C ILE B 233 18.49 -8.49 -22.09
N VAL B 234 17.66 -7.52 -21.78
CA VAL B 234 16.79 -7.64 -20.60
C VAL B 234 15.74 -8.74 -20.82
N GLU B 235 15.20 -8.84 -22.04
CA GLU B 235 14.26 -9.91 -22.36
C GLU B 235 14.93 -11.29 -22.36
N CYS B 236 16.23 -11.31 -22.62
CA CYS B 236 17.00 -12.55 -22.56
C CYS B 236 17.23 -13.02 -21.11
N GLU B 237 17.46 -12.07 -20.20
CA GLU B 237 17.74 -12.40 -18.81
CA GLU B 237 17.74 -12.38 -18.79
C GLU B 237 16.47 -12.67 -18.00
N ASP B 238 15.33 -12.25 -18.54
CA ASP B 238 14.03 -12.44 -17.88
C ASP B 238 13.78 -13.93 -17.58
N GLN B 239 13.89 -14.30 -16.31
CA GLN B 239 13.73 -15.70 -15.87
C GLN B 239 12.27 -16.12 -15.74
N ASP B 240 11.37 -15.15 -15.82
CA ASP B 240 9.94 -15.41 -15.77
C ASP B 240 9.48 -15.94 -17.14
N THR B 241 9.99 -15.34 -18.22
CA THR B 241 9.73 -15.81 -19.58
C THR B 241 10.33 -17.21 -19.80
N GLN B 242 11.56 -17.42 -19.33
CA GLN B 242 12.20 -18.74 -19.38
C GLN B 242 11.26 -19.84 -18.88
N GLN B 243 10.62 -19.59 -17.76
CA GLN B 243 9.78 -20.60 -17.08
C GLN B 243 8.36 -20.70 -17.66
N ARG B 244 7.81 -19.60 -18.15
CA ARG B 244 6.48 -19.60 -18.80
C ARG B 244 6.54 -20.17 -20.22
N ASP B 245 7.50 -19.70 -21.02
CA ASP B 245 7.65 -20.17 -22.40
C ASP B 245 9.10 -20.07 -22.87
N PRO B 246 9.82 -21.21 -22.82
CA PRO B 246 11.22 -21.23 -23.26
C PRO B 246 11.41 -20.98 -24.76
N LYS B 247 10.37 -21.22 -25.56
CA LYS B 247 10.40 -20.92 -26.99
C LYS B 247 10.57 -19.44 -27.25
N THR B 248 9.97 -18.62 -26.39
CA THR B 248 10.05 -17.18 -26.44
C THR B 248 11.39 -16.67 -25.93
N HIS B 249 11.89 -17.28 -24.87
CA HIS B 249 13.22 -16.97 -24.34
C HIS B 249 14.28 -17.29 -25.42
N GLU B 250 14.17 -18.48 -26.01
CA GLU B 250 15.08 -18.87 -27.08
C GLU B 250 15.01 -17.87 -28.23
N MET B 251 13.80 -17.41 -28.55
CA MET B 251 13.59 -16.45 -29.64
C MET B 251 14.40 -15.18 -29.41
N TYR B 252 14.44 -14.70 -28.18
CA TYR B 252 15.11 -13.46 -27.84
C TYR B 252 16.64 -13.61 -27.86
N LEU B 253 17.14 -14.75 -27.40
CA LEU B 253 18.55 -15.09 -27.55
C LEU B 253 18.94 -15.10 -29.03
N ASN B 254 18.08 -15.67 -29.88
CA ASN B 254 18.33 -15.73 -31.31
C ASN B 254 18.35 -14.36 -31.97
N VAL B 255 17.50 -13.46 -31.48
CA VAL B 255 17.51 -12.08 -31.95
C VAL B 255 18.84 -11.41 -31.62
N MET B 256 19.31 -11.59 -30.39
CA MET B 256 20.60 -11.02 -29.97
C MET B 256 21.75 -11.61 -30.82
N ARG B 257 21.65 -12.89 -31.16
CA ARG B 257 22.62 -13.53 -32.04
C ARG B 257 22.58 -12.97 -33.47
N ARG B 258 21.37 -12.86 -34.02
CA ARG B 258 21.16 -12.27 -35.35
C ARG B 258 21.74 -10.86 -35.41
N PHE B 259 21.58 -10.13 -34.30
CA PHE B 259 22.07 -8.76 -34.18
C PHE B 259 23.59 -8.74 -34.11
N SER B 260 24.17 -9.61 -33.29
CA SER B 260 25.62 -9.77 -33.20
C SER B 260 26.24 -10.24 -34.53
N GLN B 261 25.52 -11.10 -35.23
CA GLN B 261 25.94 -11.59 -36.55
C GLN B 261 25.97 -10.47 -37.60
N ALA B 262 24.95 -9.61 -37.59
CA ALA B 262 24.85 -8.52 -38.56
C ALA B 262 25.95 -7.46 -38.36
N LEU B 263 26.27 -7.16 -37.11
CA LEU B 263 27.31 -6.17 -36.80
C LEU B 263 28.70 -6.61 -37.24
N LEU B 264 29.03 -7.88 -37.02
CA LEU B 264 30.33 -8.43 -37.47
C LEU B 264 30.45 -8.53 -38.99
N LYS B 265 29.31 -8.67 -39.65
CA LYS B 265 29.23 -8.77 -41.10
C LYS B 265 29.37 -7.42 -41.82
N GLY B 266 29.14 -6.32 -41.10
CA GLY B 266 29.08 -5.00 -41.71
C GLY B 266 30.44 -4.42 -42.04
N ASP B 267 30.44 -3.16 -42.46
CA ASP B 267 31.67 -2.43 -42.78
C ASP B 267 32.35 -1.89 -41.49
N LYS B 268 33.42 -1.13 -41.66
CA LYS B 268 34.21 -0.62 -40.52
C LYS B 268 33.36 0.11 -39.49
N SER B 269 32.46 0.96 -39.97
CA SER B 269 31.63 1.80 -39.08
C SER B 269 30.61 0.94 -38.33
N VAL B 270 30.14 -0.12 -38.96
CA VAL B 270 29.19 -1.02 -38.33
C VAL B 270 29.86 -1.98 -37.33
N ARG B 271 31.02 -2.51 -37.68
CA ARG B 271 31.72 -3.47 -36.83
C ARG B 271 32.14 -2.87 -35.48
N VAL B 272 32.63 -1.63 -35.47
CA VAL B 272 33.02 -0.98 -34.21
C VAL B 272 31.84 -0.74 -33.24
N MET B 273 30.61 -0.72 -33.76
CA MET B 273 29.45 -0.55 -32.89
C MET B 273 29.32 -1.74 -31.94
N ARG B 274 29.69 -2.93 -32.41
CA ARG B 274 29.67 -4.13 -31.58
CA ARG B 274 29.68 -4.14 -31.58
C ARG B 274 30.58 -3.98 -30.36
N SER B 275 31.82 -3.49 -30.57
CA SER B 275 32.79 -3.36 -29.47
C SER B 275 32.41 -2.26 -28.47
N LEU B 276 31.78 -1.20 -28.95
CA LEU B 276 31.22 -0.16 -28.09
C LEU B 276 30.04 -0.68 -27.25
N LEU B 277 29.20 -1.52 -27.82
CA LEU B 277 28.18 -2.21 -27.03
C LEU B 277 28.78 -3.13 -25.95
N ALA B 278 29.80 -3.90 -26.31
CA ALA B 278 30.45 -4.81 -25.37
C ALA B 278 31.06 -4.04 -24.19
N ALA B 279 31.76 -2.94 -24.50
CA ALA B 279 32.36 -2.07 -23.48
C ALA B 279 31.33 -1.44 -22.53
N GLN B 280 30.11 -1.20 -23.02
CA GLN B 280 29.05 -0.69 -22.16
C GLN B 280 28.58 -1.79 -21.21
N GLN B 281 28.45 -3.00 -21.73
CA GLN B 281 27.99 -4.13 -20.94
C GLN B 281 28.98 -4.43 -19.83
N THR B 282 30.28 -4.40 -20.14
CA THR B 282 31.29 -4.69 -19.13
C THR B 282 31.33 -3.56 -18.10
N PHE B 283 31.12 -2.32 -18.54
CA PHE B 283 31.03 -1.19 -17.60
C PHE B 283 29.93 -1.41 -16.56
N VAL B 284 28.72 -1.65 -17.04
CA VAL B 284 27.57 -1.95 -16.18
C VAL B 284 27.81 -3.14 -15.23
N ASP B 285 28.37 -4.25 -15.74
CA ASP B 285 28.75 -5.42 -14.92
C ASP B 285 29.67 -5.02 -13.76
N ARG B 286 30.65 -4.17 -14.04
CA ARG B 286 31.59 -3.73 -13.00
C ARG B 286 30.91 -2.81 -11.99
N LEU B 287 29.98 -1.97 -12.45
CA LEU B 287 29.18 -1.13 -11.54
C LEU B 287 28.30 -1.98 -10.60
N VAL B 288 27.66 -3.01 -11.15
CA VAL B 288 26.86 -3.96 -10.37
C VAL B 288 27.75 -4.68 -9.33
N HIS B 289 28.95 -5.05 -9.75
CA HIS B 289 29.93 -5.67 -8.83
C HIS B 289 30.34 -4.71 -7.70
N LEU B 290 30.52 -3.43 -8.02
CA LEU B 290 30.88 -2.42 -7.01
C LEU B 290 29.75 -2.23 -5.99
N MET B 291 28.51 -2.22 -6.47
CA MET B 291 27.35 -2.05 -5.60
C MET B 291 27.12 -3.25 -4.68
N LYS B 292 27.46 -4.45 -5.15
CA LYS B 292 27.41 -5.63 -4.28
C LYS B 292 28.45 -5.53 -3.17
N ALA B 293 29.66 -5.10 -3.52
CA ALA B 293 30.74 -4.90 -2.55
C ALA B 293 30.39 -3.85 -1.49
N VAL B 294 29.81 -2.71 -1.90
CA VAL B 294 29.42 -1.68 -0.94
C VAL B 294 28.34 -2.19 0.04
N GLN B 295 27.43 -3.04 -0.44
CA GLN B 295 26.34 -3.56 0.39
C GLN B 295 26.70 -4.73 1.31
N ARG B 296 27.83 -5.40 1.09
CA ARG B 296 28.26 -6.40 2.07
C ARG B 296 29.10 -5.78 3.19
N GLU B 297 29.34 -4.47 3.06
CA GLU B 297 29.86 -3.62 4.14
C GLU B 297 28.75 -3.42 5.19
N SER B 298 29.10 -3.64 6.46
CA SER B 298 28.12 -3.69 7.56
C SER B 298 28.16 -2.42 8.42
N GLY B 299 28.64 -1.32 7.85
CA GLY B 299 28.78 -0.05 8.57
C GLY B 299 27.65 0.90 8.22
N ASN B 300 27.68 2.09 8.82
CA ASN B 300 26.64 3.10 8.60
C ASN B 300 26.75 3.76 7.22
N ARG B 301 25.81 4.65 6.87
CA ARG B 301 25.79 5.26 5.54
C ARG B 301 27.11 6.00 5.20
N LYS B 302 27.62 6.75 6.17
CA LYS B 302 28.91 7.46 6.03
C LYS B 302 30.01 6.50 5.58
N LYS B 303 30.13 5.36 6.25
CA LYS B 303 31.17 4.39 5.93
C LYS B 303 30.93 3.73 4.56
N LYS B 304 29.69 3.42 4.25
CA LYS B 304 29.36 2.88 2.95
C LYS B 304 29.69 3.88 1.86
N ASN B 305 29.39 5.16 2.11
CA ASN B 305 29.74 6.23 1.18
C ASN B 305 31.24 6.31 0.92
N GLU B 306 32.02 6.12 1.97
CA GLU B 306 33.48 6.09 1.87
C GLU B 306 33.97 4.85 1.11
N ARG B 307 33.30 3.72 1.31
CA ARG B 307 33.66 2.50 0.58
C ARG B 307 33.34 2.68 -0.91
N LEU B 308 32.20 3.29 -1.19
CA LEU B 308 31.78 3.58 -2.56
C LEU B 308 32.83 4.41 -3.29
N GLN B 309 33.28 5.47 -2.64
CA GLN B 309 34.23 6.40 -3.22
C GLN B 309 35.63 5.80 -3.38
N ALA B 310 36.08 5.03 -2.39
CA ALA B 310 37.40 4.39 -2.48
C ALA B 310 37.49 3.40 -3.63
N LEU B 311 36.47 2.54 -3.74
CA LEU B 311 36.36 1.57 -4.83
C LEU B 311 36.25 2.23 -6.22
N LEU B 312 35.42 3.26 -6.33
CA LEU B 312 35.32 4.02 -7.59
C LEU B 312 36.66 4.67 -7.91
N GLY B 313 37.35 5.14 -6.87
CA GLY B 313 38.65 5.79 -7.02
C GLY B 313 39.82 4.86 -7.32
N ASP B 314 39.58 3.55 -7.35
CA ASP B 314 40.61 2.57 -7.72
C ASP B 314 40.35 2.05 -9.13
N ASN B 315 40.99 2.67 -10.12
CA ASN B 315 40.74 2.34 -11.52
C ASN B 315 41.42 1.03 -11.96
N GLU B 316 42.46 0.61 -11.24
CA GLU B 316 43.08 -0.70 -11.48
C GLU B 316 42.14 -1.85 -11.07
N LYS B 317 41.52 -1.72 -9.90
CA LYS B 317 40.66 -2.77 -9.35
C LYS B 317 39.30 -2.83 -10.03
N MET B 318 38.64 -1.68 -10.15
CA MET B 318 37.24 -1.61 -10.56
C MET B 318 37.02 -0.98 -11.92
N ASN B 319 37.95 -0.12 -12.34
CA ASN B 319 37.95 0.50 -13.67
C ASN B 319 36.63 1.19 -14.03
N LEU B 320 36.19 2.10 -13.15
CA LEU B 320 34.96 2.85 -13.37
C LEU B 320 35.15 4.37 -13.44
N SER B 321 36.31 4.87 -13.04
CA SER B 321 36.59 6.32 -13.06
C SER B 321 37.25 6.84 -14.34
N ASP B 322 38.05 5.99 -15.02
CA ASP B 322 38.66 6.34 -16.31
C ASP B 322 38.55 5.18 -17.28
N VAL B 323 37.70 5.32 -18.29
CA VAL B 323 37.47 4.27 -19.28
C VAL B 323 37.48 4.83 -20.71
N GLU B 324 37.59 3.95 -21.70
CA GLU B 324 37.46 4.42 -23.09
C GLU B 324 36.08 5.06 -23.23
N LEU B 325 36.03 6.14 -24.01
CA LEU B 325 34.79 6.84 -24.28
C LEU B 325 33.71 5.87 -24.78
N ILE B 326 32.62 5.75 -24.02
CA ILE B 326 31.50 4.93 -24.44
C ILE B 326 30.20 5.73 -24.33
N PRO B 327 29.20 5.38 -25.15
CA PRO B 327 27.86 5.92 -24.96
C PRO B 327 27.29 5.60 -23.59
N LEU B 328 26.49 6.53 -23.06
CA LEU B 328 25.77 6.31 -21.84
C LEU B 328 24.55 5.45 -22.16
N PRO B 329 24.45 4.26 -21.57
CA PRO B 329 23.28 3.44 -21.93
C PRO B 329 21.96 4.21 -21.84
N LEU B 330 21.80 4.96 -20.74
CA LEU B 330 20.61 5.75 -20.43
C LEU B 330 20.31 6.84 -21.46
N GLU B 331 21.35 7.46 -22.00
CA GLU B 331 21.21 8.45 -23.07
C GLU B 331 22.43 8.35 -24.02
N PRO B 332 22.34 7.48 -25.04
CA PRO B 332 23.49 7.14 -25.90
C PRO B 332 24.10 8.30 -26.69
N GLN B 333 23.35 9.39 -26.83
CA GLN B 333 23.88 10.61 -27.43
C GLN B 333 24.93 11.26 -26.52
N VAL B 334 24.88 10.97 -25.23
CA VAL B 334 25.93 11.43 -24.32
C VAL B 334 27.02 10.37 -24.20
N LYS B 335 28.27 10.73 -24.46
CA LYS B 335 29.38 9.82 -24.26
C LYS B 335 30.07 10.14 -22.93
N ILE B 336 30.49 9.09 -22.24
CA ILE B 336 31.12 9.23 -20.93
C ILE B 336 32.48 8.55 -20.90
N ARG B 337 33.34 9.03 -20.00
CA ARG B 337 34.67 8.47 -19.80
C ARG B 337 34.91 7.92 -18.38
N GLY B 338 33.85 7.83 -17.59
CA GLY B 338 33.94 7.32 -16.21
C GLY B 338 32.98 7.99 -15.25
N ILE B 339 33.16 7.69 -13.96
CA ILE B 339 32.36 8.26 -12.88
C ILE B 339 33.30 9.02 -11.94
N ILE B 340 32.88 10.21 -11.49
CA ILE B 340 33.65 11.00 -10.54
C ILE B 340 33.57 10.27 -9.19
N PRO B 341 34.73 9.86 -8.65
CA PRO B 341 34.71 9.10 -7.39
C PRO B 341 34.23 9.88 -6.17
N GLU B 342 34.71 11.11 -5.98
CA GLU B 342 34.54 11.82 -4.70
C GLU B 342 33.18 12.52 -4.48
N THR B 343 32.27 12.41 -5.44
CA THR B 343 30.92 12.97 -5.28
C THR B 343 29.83 11.87 -5.28
N ALA B 344 30.25 10.61 -5.33
CA ALA B 344 29.31 9.48 -5.29
C ALA B 344 28.86 9.23 -3.85
N THR B 345 27.55 9.15 -3.65
CA THR B 345 26.96 8.85 -2.35
C THR B 345 25.67 8.08 -2.52
N LEU B 346 25.24 7.42 -1.44
CA LEU B 346 24.04 6.59 -1.43
C LEU B 346 22.83 7.35 -0.88
N PHE B 347 21.66 7.11 -1.48
CA PHE B 347 20.41 7.68 -0.99
C PHE B 347 19.98 6.98 0.29
N LYS B 348 19.31 7.76 1.14
CA LYS B 348 18.80 7.26 2.41
C LYS B 348 17.44 6.61 2.19
N SER B 349 17.46 5.40 1.66
CA SER B 349 16.24 4.59 1.48
C SER B 349 16.59 3.11 1.43
N ALA B 350 15.58 2.26 1.53
CA ALA B 350 15.77 0.83 1.78
C ALA B 350 16.82 0.16 0.89
N LEU B 351 16.74 0.39 -0.42
CA LEU B 351 17.64 -0.30 -1.36
C LEU B 351 18.98 0.42 -1.61
N MET B 352 19.15 1.58 -0.96
CA MET B 352 20.41 2.35 -1.00
C MET B 352 21.01 2.49 -2.42
N PRO B 353 20.21 3.02 -3.37
CA PRO B 353 20.72 3.32 -4.68
C PRO B 353 21.75 4.46 -4.62
N ALA B 354 22.58 4.58 -5.66
CA ALA B 354 23.68 5.53 -5.69
C ALA B 354 23.38 6.72 -6.59
N GLN B 355 23.77 7.91 -6.14
CA GLN B 355 23.87 9.07 -7.01
C GLN B 355 25.30 9.11 -7.53
N LEU B 356 25.43 8.97 -8.85
CA LEU B 356 26.72 8.95 -9.54
C LEU B 356 26.76 10.05 -10.61
N PHE B 357 27.83 10.83 -10.62
CA PHE B 357 28.08 11.84 -11.63
C PHE B 357 29.03 11.32 -12.71
N PHE B 358 28.52 11.08 -13.91
CA PHE B 358 29.37 10.64 -15.04
C PHE B 358 30.18 11.81 -15.60
N LYS B 359 31.45 11.54 -15.95
CA LYS B 359 32.30 12.51 -16.66
C LYS B 359 31.94 12.46 -18.14
N THR B 360 31.36 13.54 -18.69
CA THR B 360 30.95 13.53 -20.09
C THR B 360 32.10 13.91 -21.03
N GLU B 361 31.83 13.76 -22.33
CA GLU B 361 32.79 14.03 -23.39
C GLU B 361 33.31 15.47 -23.36
N ASP B 362 32.40 16.44 -23.15
CA ASP B 362 32.79 17.86 -23.16
C ASP B 362 33.47 18.34 -21.86
N GLY B 363 33.68 17.43 -20.89
CA GLY B 363 34.29 17.79 -19.61
C GLY B 363 33.28 18.15 -18.53
N GLY B 364 31.99 18.14 -18.90
CA GLY B 364 30.88 18.41 -17.97
C GLY B 364 30.47 17.14 -17.27
N LYS B 365 29.29 17.16 -16.64
CA LYS B 365 28.81 15.97 -15.92
C LYS B 365 27.32 15.71 -16.09
N TYR B 366 26.95 14.45 -15.83
CA TYR B 366 25.60 13.97 -16.03
C TYR B 366 25.23 13.07 -14.84
N PRO B 367 24.41 13.58 -13.91
CA PRO B 367 24.06 12.81 -12.72
C PRO B 367 23.05 11.72 -13.03
N VAL B 368 23.24 10.55 -12.44
CA VAL B 368 22.33 9.43 -12.60
C VAL B 368 22.05 8.78 -11.26
N ILE B 369 20.92 8.06 -11.20
CA ILE B 369 20.62 7.18 -10.09
C ILE B 369 20.80 5.78 -10.64
N PHE B 370 21.68 5.00 -10.00
CA PHE B 370 21.81 3.58 -10.32
C PHE B 370 21.15 2.73 -9.24
N LYS B 371 20.09 2.03 -9.63
CA LYS B 371 19.32 1.18 -8.71
C LYS B 371 19.69 -0.29 -8.92
N HIS B 372 19.96 -0.97 -7.82
CA HIS B 372 20.30 -2.39 -7.82
CA HIS B 372 20.29 -2.39 -7.81
C HIS B 372 19.33 -3.13 -6.90
N GLY B 373 18.90 -4.32 -7.34
CA GLY B 373 17.92 -5.11 -6.58
C GLY B 373 16.50 -4.67 -6.86
N ASP B 374 16.28 -4.10 -8.05
CA ASP B 374 15.02 -3.42 -8.38
C ASP B 374 14.66 -3.64 -9.87
N ASP B 375 13.39 -3.86 -10.16
CA ASP B 375 12.92 -4.08 -11.53
C ASP B 375 12.31 -2.76 -12.05
N LEU B 376 13.07 -2.06 -12.90
CA LEU B 376 12.68 -0.73 -13.40
C LEU B 376 11.77 -0.75 -14.64
N ARG B 377 11.28 -1.92 -15.05
CA ARG B 377 10.59 -2.00 -16.34
C ARG B 377 9.25 -1.27 -16.40
N GLN B 378 8.49 -1.29 -15.32
CA GLN B 378 7.23 -0.54 -15.28
C GLN B 378 7.50 0.97 -15.45
N ASP B 379 8.44 1.48 -14.65
CA ASP B 379 8.86 2.89 -14.76
C ASP B 379 9.46 3.22 -16.12
N GLN B 380 10.28 2.32 -16.64
CA GLN B 380 10.83 2.44 -17.98
C GLN B 380 9.72 2.62 -19.02
N LEU B 381 8.66 1.81 -18.91
CA LEU B 381 7.53 1.89 -19.82
C LEU B 381 6.83 3.25 -19.71
N ILE B 382 6.53 3.67 -18.50
CA ILE B 382 5.80 4.91 -18.28
C ILE B 382 6.59 6.16 -18.70
N LEU B 383 7.86 6.25 -18.35
CA LEU B 383 8.67 7.39 -18.83
C LEU B 383 8.79 7.43 -20.35
N GLN B 384 8.82 6.25 -20.97
CA GLN B 384 8.85 6.14 -22.43
C GLN B 384 7.53 6.66 -23.03
N ILE B 385 6.41 6.28 -22.43
CA ILE B 385 5.10 6.75 -22.88
C ILE B 385 4.93 8.26 -22.60
N ILE B 386 5.45 8.73 -21.47
CA ILE B 386 5.39 10.16 -21.16
C ILE B 386 6.26 10.95 -22.15
N SER B 387 7.37 10.37 -22.52
CA SER B 387 8.27 10.95 -23.53
C SER B 387 7.51 11.09 -24.87
N LEU B 388 6.88 10.01 -25.31
CA LEU B 388 6.00 10.04 -26.48
C LEU B 388 4.92 11.11 -26.39
N MET B 389 4.25 11.22 -25.25
CA MET B 389 3.13 12.17 -25.14
C MET B 389 3.67 13.60 -25.21
N ASP B 390 4.81 13.85 -24.58
CA ASP B 390 5.48 15.15 -24.66
C ASP B 390 5.81 15.52 -26.13
N LYS B 391 6.34 14.55 -26.89
CA LYS B 391 6.68 14.78 -28.29
C LYS B 391 5.46 15.00 -29.19
N LEU B 392 4.38 14.27 -28.93
CA LEU B 392 3.12 14.48 -29.68
C LEU B 392 2.54 15.88 -29.42
N LEU B 393 2.61 16.33 -28.17
CA LEU B 393 2.14 17.67 -27.80
C LEU B 393 3.02 18.77 -28.43
N ARG B 394 4.34 18.62 -28.35
CA ARG B 394 5.27 19.56 -29.00
C ARG B 394 5.02 19.65 -30.52
N LYS B 395 4.71 18.51 -31.12
CA LYS B 395 4.34 18.40 -32.54
C LYS B 395 3.12 19.25 -32.92
N GLU B 396 2.19 19.42 -31.97
CA GLU B 396 1.05 20.30 -32.17
C GLU B 396 1.31 21.70 -31.59
N ASN B 397 2.60 22.04 -31.46
CA ASN B 397 3.04 23.33 -30.93
C ASN B 397 2.52 23.63 -29.53
N LEU B 398 2.63 22.65 -28.64
CA LEU B 398 2.26 22.83 -27.25
C LEU B 398 3.34 22.24 -26.36
N ASP B 399 4.17 23.11 -25.79
CA ASP B 399 5.23 22.70 -24.86
C ASP B 399 4.80 22.99 -23.43
N LEU B 400 4.40 21.93 -22.73
CA LEU B 400 3.94 22.03 -21.34
C LEU B 400 5.08 21.94 -20.32
N LYS B 401 6.32 21.96 -20.77
CA LYS B 401 7.49 21.98 -19.89
C LYS B 401 7.51 20.73 -18.99
N LEU B 402 7.33 19.57 -19.62
CA LEU B 402 7.32 18.29 -18.91
C LEU B 402 8.75 17.83 -18.64
N THR B 403 8.87 16.85 -17.74
CA THR B 403 10.18 16.31 -17.35
C THR B 403 10.16 14.78 -17.51
N PRO B 404 10.17 14.31 -18.76
CA PRO B 404 10.28 12.89 -19.01
C PRO B 404 11.72 12.44 -18.81
N TYR B 405 12.13 12.31 -17.56
CA TYR B 405 13.49 11.91 -17.25
C TYR B 405 13.77 10.51 -17.81
N LYS B 406 15.00 10.27 -18.23
CA LYS B 406 15.35 8.97 -18.81
C LYS B 406 15.36 7.86 -17.76
N VAL B 407 14.90 6.68 -18.17
CA VAL B 407 14.91 5.48 -17.35
C VAL B 407 15.35 4.29 -18.22
N LEU B 408 16.38 3.58 -17.83
CA LEU B 408 16.80 2.39 -18.58
C LEU B 408 17.08 1.23 -17.65
N ALA B 409 16.30 0.16 -17.82
CA ALA B 409 16.60 -1.11 -17.22
C ALA B 409 17.80 -1.73 -17.94
N THR B 410 18.83 -2.07 -17.18
CA THR B 410 20.01 -2.78 -17.69
C THR B 410 19.90 -4.27 -17.41
N SER B 411 18.93 -4.63 -16.59
CA SER B 411 18.60 -6.02 -16.29
C SER B 411 17.21 -6.03 -15.68
N THR B 412 16.69 -7.21 -15.35
CA THR B 412 15.46 -7.30 -14.57
C THR B 412 15.71 -6.94 -13.09
N LYS B 413 16.97 -6.74 -12.69
CA LYS B 413 17.33 -6.48 -11.29
C LYS B 413 18.12 -5.20 -11.05
N HIS B 414 18.42 -4.46 -12.12
CA HIS B 414 19.11 -3.18 -11.97
C HIS B 414 18.88 -2.24 -13.16
N GLY B 415 19.29 -0.98 -13.00
CA GLY B 415 19.10 0.01 -14.05
C GLY B 415 19.38 1.43 -13.64
N PHE B 416 19.29 2.33 -14.61
CA PHE B 416 19.62 3.73 -14.43
C PHE B 416 18.41 4.66 -14.55
N MET B 417 18.51 5.79 -13.85
CA MET B 417 17.58 6.89 -14.03
C MET B 417 18.33 8.21 -14.07
N GLN B 418 17.92 9.07 -15.00
CA GLN B 418 18.44 10.41 -15.09
C GLN B 418 18.05 11.20 -13.84
N PHE B 419 19.03 11.76 -13.14
CA PHE B 419 18.78 12.61 -11.98
C PHE B 419 18.47 14.03 -12.46
N ILE B 420 17.35 14.59 -11.98
CA ILE B 420 16.92 15.95 -12.26
C ILE B 420 16.94 16.75 -10.96
N GLN B 421 17.77 17.80 -10.92
CA GLN B 421 17.90 18.67 -9.76
C GLN B 421 16.54 19.25 -9.37
N SER B 422 16.10 19.01 -8.14
CA SER B 422 14.74 19.34 -7.72
C SER B 422 14.54 19.14 -6.23
N VAL B 423 13.40 19.62 -5.73
CA VAL B 423 13.00 19.42 -4.35
C VAL B 423 11.59 18.83 -4.34
N PRO B 424 11.35 17.80 -3.52
CA PRO B 424 9.97 17.26 -3.41
C PRO B 424 9.05 18.22 -2.66
N VAL B 425 7.77 18.23 -3.03
CA VAL B 425 6.81 19.21 -2.47
C VAL B 425 6.72 19.09 -0.96
N ALA B 426 6.80 17.88 -0.42
CA ALA B 426 6.75 17.68 1.04
C ALA B 426 7.86 18.42 1.77
N GLU B 427 9.06 18.39 1.21
CA GLU B 427 10.20 19.14 1.76
C GLU B 427 10.02 20.65 1.59
N VAL B 428 9.39 21.06 0.49
CA VAL B 428 9.10 22.47 0.25
C VAL B 428 8.16 22.96 1.33
N LEU B 429 7.15 22.14 1.63
CA LEU B 429 6.17 22.46 2.66
C LEU B 429 6.80 22.49 4.04
N ASP B 430 7.72 21.56 4.31
CA ASP B 430 8.39 21.49 5.60
C ASP B 430 9.27 22.72 5.87
N THR B 431 9.99 23.16 4.85
CA THR B 431 11.02 24.19 5.01
C THR B 431 10.51 25.61 4.72
N GLU B 432 9.58 25.76 3.78
CA GLU B 432 9.15 27.10 3.32
C GLU B 432 7.68 27.45 3.59
N GLY B 433 6.85 26.45 3.84
CA GLY B 433 5.43 26.65 4.15
C GLY B 433 4.51 26.39 2.99
N SER B 434 4.92 26.78 1.79
CA SER B 434 4.10 26.63 0.59
C SER B 434 4.92 26.71 -0.68
N ILE B 435 4.31 26.26 -1.77
CA ILE B 435 4.90 26.38 -3.09
C ILE B 435 5.15 27.86 -3.46
N GLN B 436 4.19 28.73 -3.15
CA GLN B 436 4.37 30.17 -3.43
C GLN B 436 5.56 30.78 -2.67
N ASN B 437 5.71 30.43 -1.40
CA ASN B 437 6.84 30.90 -0.60
C ASN B 437 8.18 30.43 -1.18
N PHE B 438 8.23 29.16 -1.57
CA PHE B 438 9.39 28.59 -2.27
C PHE B 438 9.71 29.41 -3.52
N PHE B 439 8.72 29.59 -4.40
CA PHE B 439 8.91 30.35 -5.66
C PHE B 439 9.30 31.80 -5.40
N ARG B 440 8.74 32.38 -4.35
CA ARG B 440 9.05 33.77 -3.98
C ARG B 440 10.47 33.89 -3.46
N LYS B 441 11.00 32.82 -2.85
CA LYS B 441 12.36 32.84 -2.33
C LYS B 441 13.42 32.66 -3.42
N TYR B 442 13.14 31.83 -4.42
CA TYR B 442 14.13 31.48 -5.45
C TYR B 442 13.90 32.13 -6.81
N ALA B 443 12.79 32.83 -6.97
CA ALA B 443 12.50 33.56 -8.20
C ALA B 443 11.51 34.69 -7.94
N PRO B 444 11.91 35.68 -7.10
CA PRO B 444 11.06 36.84 -6.82
C PRO B 444 10.99 37.81 -8.00
N SER B 445 9.89 38.55 -8.10
CA SER B 445 9.72 39.55 -9.16
C SER B 445 8.49 40.41 -8.89
N GLU B 446 8.68 41.71 -8.73
CA GLU B 446 7.59 42.61 -8.32
C GLU B 446 6.52 42.84 -9.39
N ASN B 447 6.80 42.42 -10.62
CA ASN B 447 5.86 42.55 -11.72
C ASN B 447 5.02 41.29 -11.92
N GLY B 448 5.63 40.13 -11.71
CA GLY B 448 4.92 38.86 -11.86
C GLY B 448 3.92 38.61 -10.75
N PRO B 449 3.05 37.60 -10.92
CA PRO B 449 1.94 37.33 -9.99
C PRO B 449 2.38 36.86 -8.59
N ASN B 450 1.84 37.53 -7.57
CA ASN B 450 2.11 37.24 -6.15
C ASN B 450 3.57 37.40 -5.75
N GLY B 451 4.32 38.21 -6.50
CA GLY B 451 5.75 38.39 -6.26
C GLY B 451 6.65 37.38 -6.95
N ILE B 452 6.09 36.50 -7.78
CA ILE B 452 6.86 35.43 -8.43
C ILE B 452 7.14 35.76 -9.90
N SER B 453 8.28 35.29 -10.42
CA SER B 453 8.64 35.47 -11.83
C SER B 453 7.55 34.93 -12.76
N ALA B 454 7.13 35.76 -13.72
CA ALA B 454 6.06 35.40 -14.66
C ALA B 454 6.39 34.15 -15.49
N GLU B 455 7.65 33.96 -15.84
CA GLU B 455 8.06 32.78 -16.61
C GLU B 455 7.98 31.52 -15.74
N VAL B 456 8.45 31.63 -14.50
CA VAL B 456 8.38 30.52 -13.56
C VAL B 456 6.93 30.10 -13.31
N MET B 457 6.05 31.07 -13.08
CA MET B 457 4.64 30.76 -12.82
C MET B 457 3.97 30.09 -14.01
N ASP B 458 4.29 30.56 -15.21
CA ASP B 458 3.71 29.99 -16.43
C ASP B 458 4.23 28.57 -16.69
N THR B 459 5.50 28.34 -16.34
CA THR B 459 6.09 27.01 -16.40
C THR B 459 5.40 26.08 -15.41
N TYR B 460 5.07 26.63 -14.25
CA TYR B 460 4.38 25.88 -13.21
C TYR B 460 2.98 25.50 -13.68
N VAL B 461 2.22 26.49 -14.13
CA VAL B 461 0.87 26.22 -14.63
C VAL B 461 0.87 25.19 -15.76
N LYS B 462 1.80 25.33 -16.69
CA LYS B 462 1.85 24.42 -17.86
C LYS B 462 2.20 22.99 -17.46
N SER B 463 3.26 22.84 -16.67
CA SER B 463 3.68 21.52 -16.21
C SER B 463 2.64 20.84 -15.32
N CYS B 464 1.95 21.60 -14.48
CA CYS B 464 0.84 21.05 -13.68
C CYS B 464 -0.25 20.48 -14.58
N ALA B 465 -0.66 21.25 -15.59
CA ALA B 465 -1.71 20.79 -16.51
C ALA B 465 -1.29 19.53 -17.25
N GLY B 466 -0.07 19.53 -17.79
CA GLY B 466 0.46 18.34 -18.48
C GLY B 466 0.42 17.06 -17.66
N TYR B 467 0.99 17.08 -16.45
CA TYR B 467 0.97 15.91 -15.58
C TYR B 467 -0.45 15.54 -15.11
N CYS B 468 -1.29 16.54 -14.85
CA CYS B 468 -2.67 16.30 -14.47
CA CYS B 468 -2.66 16.25 -14.44
C CYS B 468 -3.40 15.42 -15.49
N VAL B 469 -3.23 15.73 -16.78
CA VAL B 469 -3.88 14.95 -17.83
C VAL B 469 -3.18 13.61 -18.11
N ILE B 470 -1.86 13.57 -18.09
CA ILE B 470 -1.12 12.33 -18.39
C ILE B 470 -1.27 11.27 -17.30
N THR B 471 -1.20 11.69 -16.03
CA THR B 471 -1.39 10.79 -14.90
C THR B 471 -2.85 10.34 -14.78
N TYR B 472 -3.76 11.18 -15.25
CA TYR B 472 -5.15 10.80 -15.36
C TYR B 472 -5.33 9.69 -16.41
N ILE B 473 -4.80 9.93 -17.62
CA ILE B 473 -4.85 8.93 -18.69
C ILE B 473 -4.18 7.63 -18.26
N LEU B 474 -3.02 7.71 -17.63
CA LEU B 474 -2.27 6.50 -17.26
C LEU B 474 -2.72 5.85 -15.94
N GLY B 475 -3.67 6.49 -15.25
CA GLY B 475 -4.21 5.94 -14.01
C GLY B 475 -3.19 5.80 -12.89
N VAL B 476 -2.22 6.73 -12.86
CA VAL B 476 -1.12 6.66 -11.91
C VAL B 476 -1.64 6.85 -10.49
N GLY B 477 -1.33 5.90 -9.62
CA GLY B 477 -1.71 5.99 -8.23
C GLY B 477 -0.54 6.30 -7.32
N ASP B 478 -0.84 6.29 -6.02
CA ASP B 478 0.12 6.52 -4.94
C ASP B 478 0.86 7.84 -5.08
N ARG B 479 0.11 8.94 -5.03
CA ARG B 479 0.61 10.27 -5.35
C ARG B 479 0.71 11.15 -4.12
N HIS B 480 1.56 10.75 -3.20
CA HIS B 480 1.84 11.58 -2.02
C HIS B 480 2.89 12.65 -2.39
N LEU B 481 3.23 13.51 -1.44
CA LEU B 481 4.02 14.70 -1.71
C LEU B 481 5.53 14.48 -1.85
N ASP B 482 6.00 13.28 -1.53
CA ASP B 482 7.38 12.87 -1.81
C ASP B 482 7.58 12.38 -3.25
N ASN B 483 6.47 12.19 -3.97
CA ASN B 483 6.46 11.72 -5.37
C ASN B 483 6.21 12.83 -6.39
N LEU B 484 5.95 14.03 -5.89
CA LEU B 484 5.81 15.23 -6.72
C LEU B 484 7.01 16.10 -6.45
N LEU B 485 7.71 16.47 -7.51
CA LEU B 485 8.95 17.22 -7.38
C LEU B 485 8.84 18.57 -8.09
N LEU B 486 9.66 19.51 -7.65
CA LEU B 486 9.60 20.89 -8.08
C LEU B 486 11.01 21.36 -8.40
N THR B 487 11.14 22.12 -9.48
CA THR B 487 12.40 22.80 -9.78
C THR B 487 12.24 24.28 -9.51
N LYS B 488 13.36 24.96 -9.34
CA LYS B 488 13.37 26.40 -9.09
C LYS B 488 13.01 27.21 -10.32
N THR B 489 13.03 26.58 -11.49
CA THR B 489 12.52 27.21 -12.70
C THR B 489 11.01 27.02 -12.86
N GLY B 490 10.36 26.40 -11.88
CA GLY B 490 8.91 26.27 -11.86
C GLY B 490 8.33 24.97 -12.40
N LYS B 491 9.18 24.02 -12.78
CA LYS B 491 8.67 22.76 -13.32
C LYS B 491 8.15 21.88 -12.18
N LEU B 492 6.95 21.34 -12.36
CA LEU B 492 6.43 20.29 -11.47
C LEU B 492 6.41 18.97 -12.23
N PHE B 493 6.91 17.91 -11.58
CA PHE B 493 6.87 16.59 -12.21
C PHE B 493 6.69 15.43 -11.25
N HIS B 494 6.27 14.31 -11.81
CA HIS B 494 5.96 13.11 -11.06
C HIS B 494 7.06 12.08 -11.22
N ILE B 495 7.37 11.38 -10.13
CA ILE B 495 8.28 10.24 -10.15
C ILE B 495 7.60 8.97 -9.61
N ASP B 496 8.27 7.83 -9.76
CA ASP B 496 7.92 6.54 -9.11
C ASP B 496 6.55 5.99 -9.47
N PHE B 497 6.51 5.25 -10.57
CA PHE B 497 5.25 4.84 -11.16
C PHE B 497 4.98 3.36 -10.88
N GLY B 498 5.05 2.98 -9.60
CA GLY B 498 4.78 1.60 -9.18
C GLY B 498 3.29 1.25 -9.17
N TYR B 499 2.44 2.26 -9.22
CA TYR B 499 1.00 2.07 -9.27
C TYR B 499 0.45 2.79 -10.50
N ILE B 500 0.03 2.01 -11.50
CA ILE B 500 -0.57 2.57 -12.72
C ILE B 500 -1.85 1.84 -13.11
N LEU B 501 -2.56 2.38 -14.09
CA LEU B 501 -3.76 1.77 -14.65
C LEU B 501 -4.85 1.53 -13.61
N GLY B 502 -4.99 2.44 -12.66
CA GLY B 502 -6.06 2.37 -11.66
C GLY B 502 -5.67 1.82 -10.29
N ARG B 503 -4.53 1.15 -10.20
CA ARG B 503 -4.07 0.62 -8.90
C ARG B 503 -3.67 1.71 -7.92
N ASP B 504 -3.87 1.44 -6.64
CA ASP B 504 -3.46 2.35 -5.58
C ASP B 504 -3.22 1.53 -4.31
N PRO B 505 -2.32 2.00 -3.42
CA PRO B 505 -2.17 1.29 -2.15
C PRO B 505 -3.39 1.41 -1.22
N LYS B 506 -4.26 2.40 -1.48
CA LYS B 506 -5.49 2.57 -0.71
C LYS B 506 -6.71 2.30 -1.59
N PRO B 507 -7.83 1.89 -0.98
CA PRO B 507 -9.03 1.59 -1.78
C PRO B 507 -9.70 2.85 -2.34
N LEU B 508 -10.42 2.67 -3.45
CA LEU B 508 -11.22 3.73 -4.08
C LEU B 508 -10.40 5.00 -4.40
N PRO B 509 -9.39 4.88 -5.29
CA PRO B 509 -8.61 6.04 -5.70
C PRO B 509 -9.34 6.92 -6.73
N PRO B 510 -9.39 8.25 -6.52
CA PRO B 510 -10.11 9.14 -7.43
C PRO B 510 -9.48 9.23 -8.82
N PRO B 511 -10.30 9.16 -9.89
CA PRO B 511 -9.78 9.06 -11.27
C PRO B 511 -8.77 10.15 -11.62
N MET B 512 -8.99 11.36 -11.13
CA MET B 512 -8.02 12.43 -11.27
C MET B 512 -7.45 12.79 -9.91
N LYS B 513 -6.14 12.78 -9.80
CA LYS B 513 -5.47 12.98 -8.53
C LYS B 513 -4.76 14.34 -8.52
N LEU B 514 -5.23 15.23 -7.65
CA LEU B 514 -4.63 16.54 -7.42
C LEU B 514 -4.38 16.67 -5.93
N ASN B 515 -3.92 17.84 -5.51
CA ASN B 515 -3.93 18.15 -4.07
C ASN B 515 -3.98 19.65 -3.83
N LYS B 516 -4.31 20.00 -2.59
CA LYS B 516 -4.54 21.37 -2.16
C LYS B 516 -3.37 22.26 -2.54
N GLU B 517 -2.18 21.86 -2.10
CA GLU B 517 -0.99 22.71 -2.20
C GLU B 517 -0.54 23.00 -3.65
N MET B 518 -0.90 22.14 -4.59
CA MET B 518 -0.72 22.42 -6.01
C MET B 518 -1.54 23.62 -6.45
N VAL B 519 -2.83 23.59 -6.12
CA VAL B 519 -3.75 24.67 -6.46
C VAL B 519 -3.34 25.96 -5.74
N GLU B 520 -2.93 25.85 -4.49
CA GLU B 520 -2.46 27.02 -3.74
C GLU B 520 -1.21 27.61 -4.39
N GLY B 521 -0.36 26.75 -4.96
CA GLY B 521 0.80 27.20 -5.71
C GLY B 521 0.48 28.09 -6.90
N MET B 522 -0.67 27.84 -7.53
CA MET B 522 -1.13 28.67 -8.64
C MET B 522 -1.66 30.04 -8.17
N GLY B 523 -1.94 30.17 -6.88
CA GLY B 523 -2.50 31.40 -6.31
C GLY B 523 -3.96 31.26 -5.93
N GLY B 524 -4.49 30.04 -6.00
CA GLY B 524 -5.87 29.74 -5.65
C GLY B 524 -6.77 29.66 -6.87
N THR B 525 -8.00 29.16 -6.67
CA THR B 525 -8.99 29.03 -7.74
C THR B 525 -9.49 30.38 -8.28
N GLN B 526 -9.36 31.43 -7.48
CA GLN B 526 -9.80 32.78 -7.90
C GLN B 526 -8.79 33.46 -8.83
N SER B 527 -7.56 32.96 -8.90
CA SER B 527 -6.54 33.57 -9.76
C SER B 527 -6.76 33.26 -11.25
N GLU B 528 -5.98 33.93 -12.10
CA GLU B 528 -6.01 33.68 -13.55
C GLU B 528 -4.99 32.62 -13.96
N GLN B 529 -4.07 32.30 -13.06
CA GLN B 529 -3.17 31.17 -13.23
C GLN B 529 -3.97 29.88 -13.23
N TYR B 530 -4.93 29.78 -12.32
CA TYR B 530 -5.80 28.61 -12.25
C TYR B 530 -6.63 28.41 -13.53
N GLN B 531 -7.18 29.50 -14.08
CA GLN B 531 -8.00 29.43 -15.30
C GLN B 531 -7.16 28.96 -16.50
N GLU B 532 -5.95 29.51 -16.61
CA GLU B 532 -5.02 29.08 -17.65
C GLU B 532 -4.61 27.61 -17.46
N PHE B 533 -4.54 27.14 -16.21
CA PHE B 533 -4.25 25.73 -15.94
C PHE B 533 -5.40 24.83 -16.43
N ARG B 534 -6.64 25.23 -16.20
CA ARG B 534 -7.81 24.53 -16.76
C ARG B 534 -7.73 24.52 -18.29
N LYS B 535 -7.45 25.68 -18.86
CA LYS B 535 -7.38 25.84 -20.31
C LYS B 535 -6.35 24.90 -20.90
N GLN B 536 -5.18 24.83 -20.28
CA GLN B 536 -4.10 24.00 -20.77
C GLN B 536 -4.41 22.52 -20.57
N CYS B 537 -5.16 22.20 -19.52
CA CYS B 537 -5.56 20.81 -19.27
CA CYS B 537 -5.56 20.83 -19.26
C CYS B 537 -6.40 20.27 -20.41
N TYR B 538 -7.53 20.93 -20.71
CA TYR B 538 -8.43 20.42 -21.77
C TYR B 538 -7.87 20.57 -23.18
N THR B 539 -6.97 21.52 -23.40
CA THR B 539 -6.26 21.61 -24.68
C THR B 539 -5.33 20.41 -24.87
N ALA B 540 -4.61 20.02 -23.81
CA ALA B 540 -3.72 18.84 -23.86
C ALA B 540 -4.52 17.55 -24.03
N PHE B 541 -5.67 17.48 -23.36
CA PHE B 541 -6.59 16.34 -23.47
C PHE B 541 -7.10 16.17 -24.91
N LEU B 542 -7.45 17.27 -25.59
CA LEU B 542 -7.88 17.21 -26.99
C LEU B 542 -6.75 16.77 -27.92
N HIS B 543 -5.56 17.34 -27.76
CA HIS B 543 -4.40 16.94 -28.57
C HIS B 543 -4.06 15.47 -28.42
N LEU B 544 -4.14 14.93 -27.20
CA LEU B 544 -3.78 13.54 -26.95
C LEU B 544 -4.85 12.56 -27.43
N ARG B 545 -6.11 12.99 -27.42
CA ARG B 545 -7.21 12.19 -27.99
C ARG B 545 -6.99 11.90 -29.47
N ARG B 546 -6.42 12.84 -30.21
CA ARG B 546 -6.23 12.70 -31.65
C ARG B 546 -5.23 11.60 -31.99
N TYR B 547 -4.30 11.35 -31.08
CA TYR B 547 -3.34 10.26 -31.23
C TYR B 547 -3.73 8.98 -30.48
N SER B 548 -5.00 8.86 -30.07
CA SER B 548 -5.48 7.68 -29.36
C SER B 548 -5.23 6.36 -30.12
N ASN B 549 -5.26 6.41 -31.45
CA ASN B 549 -4.95 5.23 -32.27
C ASN B 549 -3.55 4.71 -31.99
N LEU B 550 -2.58 5.60 -32.14
CA LEU B 550 -1.17 5.26 -31.95
C LEU B 550 -0.92 4.77 -30.54
N ILE B 551 -1.45 5.52 -29.58
CA ILE B 551 -1.21 5.24 -28.16
C ILE B 551 -1.78 3.89 -27.75
N LEU B 552 -3.02 3.61 -28.17
CA LEU B 552 -3.67 2.34 -27.84
C LEU B 552 -3.04 1.17 -28.61
N ASN B 553 -2.64 1.40 -29.86
CA ASN B 553 -1.90 0.39 -30.61
C ASN B 553 -0.58 0.04 -29.91
N LEU B 554 0.12 1.06 -29.40
CA LEU B 554 1.34 0.80 -28.64
C LEU B 554 1.02 -0.03 -27.38
N PHE B 555 -0.02 0.34 -26.65
CA PHE B 555 -0.45 -0.43 -25.47
C PHE B 555 -0.86 -1.88 -25.81
N SER B 556 -1.53 -2.06 -26.95
CA SER B 556 -1.83 -3.42 -27.44
C SER B 556 -0.60 -4.32 -27.51
N LEU B 557 0.55 -3.72 -27.81
CA LEU B 557 1.81 -4.47 -27.94
C LEU B 557 2.49 -4.81 -26.60
N MET B 558 1.97 -4.31 -25.48
CA MET B 558 2.57 -4.56 -24.18
C MET B 558 1.81 -5.61 -23.36
N VAL B 559 0.69 -6.08 -23.88
CA VAL B 559 -0.24 -6.92 -23.10
C VAL B 559 0.42 -8.17 -22.50
N ASP B 560 1.40 -8.74 -23.19
CA ASP B 560 2.04 -9.96 -22.73
C ASP B 560 3.41 -9.71 -22.11
N ALA B 561 3.65 -8.48 -21.67
CA ALA B 561 4.92 -8.09 -21.08
C ALA B 561 4.94 -8.26 -19.56
N ASN B 562 6.15 -8.37 -19.01
CA ASN B 562 6.39 -8.53 -17.56
C ASN B 562 6.36 -7.19 -16.83
N ILE B 563 5.19 -6.57 -16.83
CA ILE B 563 4.96 -5.31 -16.18
C ILE B 563 3.89 -5.60 -15.12
N PRO B 564 4.26 -5.51 -13.83
CA PRO B 564 3.35 -5.94 -12.77
C PRO B 564 1.89 -5.52 -12.99
N ASP B 565 1.66 -4.26 -13.31
CA ASP B 565 0.30 -3.72 -13.35
C ASP B 565 -0.46 -4.05 -14.62
N ILE B 566 0.25 -4.51 -15.66
CA ILE B 566 -0.35 -5.01 -16.89
C ILE B 566 -0.63 -6.51 -16.78
N ALA B 567 0.30 -7.24 -16.18
CA ALA B 567 0.22 -8.69 -16.07
C ALA B 567 -0.88 -9.18 -15.12
N LEU B 568 -1.39 -8.30 -14.27
CA LEU B 568 -2.53 -8.64 -13.40
C LEU B 568 -3.78 -8.92 -14.23
N GLU B 569 -4.08 -8.01 -15.16
CA GLU B 569 -5.21 -8.18 -16.08
C GLU B 569 -4.83 -7.75 -17.50
N PRO B 570 -4.15 -8.64 -18.25
CA PRO B 570 -3.70 -8.27 -19.59
C PRO B 570 -4.85 -8.02 -20.56
N ASP B 571 -5.93 -8.79 -20.41
CA ASP B 571 -7.13 -8.65 -21.23
C ASP B 571 -7.85 -7.31 -21.03
N LYS B 572 -7.72 -6.73 -19.84
CA LYS B 572 -8.39 -5.47 -19.50
C LYS B 572 -7.52 -4.21 -19.76
N THR B 573 -6.22 -4.38 -19.97
CA THR B 573 -5.28 -3.26 -19.94
C THR B 573 -5.59 -2.14 -20.95
N VAL B 574 -5.74 -2.50 -22.22
CA VAL B 574 -5.96 -1.51 -23.27
C VAL B 574 -7.23 -0.69 -23.01
N LYS B 575 -8.31 -1.35 -22.59
CA LYS B 575 -9.56 -0.66 -22.27
C LYS B 575 -9.42 0.33 -21.11
N LYS B 576 -8.58 0.03 -20.13
CA LYS B 576 -8.36 0.93 -19.00
C LYS B 576 -7.81 2.27 -19.46
N VAL B 577 -6.95 2.25 -20.48
CA VAL B 577 -6.41 3.47 -21.07
C VAL B 577 -7.42 4.12 -22.05
N GLN B 578 -8.09 3.29 -22.85
CA GLN B 578 -9.06 3.78 -23.82
C GLN B 578 -10.20 4.58 -23.16
N ASP B 579 -10.78 4.01 -22.10
CA ASP B 579 -11.87 4.65 -21.35
C ASP B 579 -11.54 6.10 -20.99
N LYS B 580 -10.28 6.37 -20.64
CA LYS B 580 -9.84 7.70 -20.23
C LYS B 580 -9.97 8.74 -21.34
N PHE B 581 -9.74 8.32 -22.58
CA PHE B 581 -9.86 9.21 -23.73
C PHE B 581 -11.29 9.67 -24.01
N ARG B 582 -12.26 8.94 -23.47
CA ARG B 582 -13.68 9.21 -23.68
C ARG B 582 -13.99 9.42 -25.17
N LEU B 583 -13.70 8.39 -25.96
CA LEU B 583 -13.87 8.45 -27.42
C LEU B 583 -15.35 8.39 -27.82
N ASP B 584 -16.21 8.03 -26.87
CA ASP B 584 -17.66 8.10 -27.06
C ASP B 584 -18.20 9.55 -27.15
N LEU B 585 -17.40 10.53 -26.74
CA LEU B 585 -17.75 11.95 -26.81
C LEU B 585 -17.08 12.65 -28.00
N SER B 586 -17.70 13.75 -28.46
CA SER B 586 -17.11 14.64 -29.46
C SER B 586 -16.09 15.56 -28.78
N ASP B 587 -15.46 16.46 -29.53
CA ASP B 587 -14.45 17.37 -28.95
C ASP B 587 -15.04 18.29 -27.90
N GLU B 588 -16.12 18.98 -28.25
CA GLU B 588 -16.77 19.94 -27.35
C GLU B 588 -17.20 19.24 -26.05
N GLU B 589 -17.80 18.07 -26.18
CA GLU B 589 -18.19 17.24 -25.03
C GLU B 589 -16.99 16.80 -24.20
N ALA B 590 -15.83 16.65 -24.84
CA ALA B 590 -14.61 16.22 -24.15
C ALA B 590 -13.98 17.35 -23.35
N VAL B 591 -14.02 18.57 -23.89
CA VAL B 591 -13.64 19.77 -23.16
C VAL B 591 -14.54 19.93 -21.94
N HIS B 592 -15.85 19.74 -22.14
CA HIS B 592 -16.81 19.78 -21.05
C HIS B 592 -16.50 18.77 -19.94
N TYR B 593 -16.24 17.54 -20.33
CA TYR B 593 -15.93 16.46 -19.37
C TYR B 593 -14.66 16.74 -18.54
N MET B 594 -13.60 17.17 -19.22
CA MET B 594 -12.33 17.51 -18.56
C MET B 594 -12.49 18.75 -17.69
N GLN B 595 -13.19 19.75 -18.22
CA GLN B 595 -13.54 20.94 -17.44
C GLN B 595 -14.19 20.55 -16.11
N SER B 596 -15.17 19.65 -16.17
CA SER B 596 -15.95 19.24 -15.00
C SER B 596 -15.16 18.34 -14.04
N LEU B 597 -14.28 17.50 -14.58
CA LEU B 597 -13.44 16.62 -13.76
C LEU B 597 -12.53 17.42 -12.84
N ILE B 598 -11.97 18.49 -13.36
CA ILE B 598 -11.06 19.34 -12.60
C ILE B 598 -11.81 20.10 -11.51
N ASP B 599 -12.95 20.69 -11.86
CA ASP B 599 -13.74 21.47 -10.91
C ASP B 599 -14.25 20.63 -9.73
N GLU B 600 -14.62 19.37 -10.00
CA GLU B 600 -15.08 18.45 -8.98
C GLU B 600 -13.95 18.03 -8.05
N SER B 601 -12.81 17.65 -8.63
CA SER B 601 -11.66 17.21 -7.84
C SER B 601 -11.16 18.34 -6.96
N VAL B 602 -11.07 19.54 -7.51
CA VAL B 602 -10.64 20.70 -6.73
C VAL B 602 -11.59 21.00 -5.58
N HIS B 603 -12.90 20.87 -5.82
CA HIS B 603 -13.91 21.12 -4.79
C HIS B 603 -13.84 20.10 -3.65
N ALA B 604 -13.75 18.81 -3.98
CA ALA B 604 -13.60 17.74 -2.98
C ALA B 604 -12.36 17.89 -2.09
N LEU B 605 -11.29 18.44 -2.62
CA LEU B 605 -10.08 18.72 -1.82
C LEU B 605 -10.35 19.83 -0.81
N PHE B 606 -11.01 20.91 -1.27
CA PHE B 606 -11.41 22.01 -0.40
C PHE B 606 -12.83 21.77 0.11
N1 AJZ C . 4.13 5.50 16.32
C2 AJZ C . 3.69 5.84 15.08
N3 AJZ C . 4.45 6.63 14.28
C4 AJZ C . 5.65 7.10 14.69
C5 AJZ C . 6.09 6.76 15.97
C6 AJZ C . 5.30 5.95 16.76
OAA AJZ C . 0.22 2.63 15.60
CAB AJZ C . 0.59 5.31 13.10
CAC AJZ C . 7.65 8.22 14.66
CAD AJZ C . 0.04 4.22 13.79
CAE AJZ C . 1.81 5.85 13.53
CAF AJZ C . 6.52 7.89 14.01
CAG AJZ C . 1.92 4.25 15.31
CAH AJZ C . 7.42 4.92 19.67
CAI AJZ C . 5.33 4.00 19.87
CAJ AJZ C . 7.04 5.87 18.56
CAK AJZ C . 4.67 4.93 18.89
OAN AJZ C . 6.32 4.79 20.54
SAO AJZ C . 7.59 7.48 16.18
CAP AJZ C . 0.72 3.70 14.90
CAQ AJZ C . 2.47 5.34 14.64
NAV AJZ C . 5.68 5.58 18.05
CL CL D . 9.67 15.15 17.00
CL CL E . -31.72 -17.17 19.16
C1 GOL F . 18.19 4.44 6.35
O1 GOL F . 16.97 4.77 5.69
C2 GOL F . 18.86 3.22 5.74
O2 GOL F . 17.91 2.31 5.23
C3 GOL F . 19.80 3.65 4.62
O3 GOL F . 20.88 4.43 5.10
N1 AJZ G . 13.45 9.25 -8.79
C2 AJZ G . 13.06 8.26 -7.99
N3 AJZ G . 13.34 8.30 -6.67
C4 AJZ G . 13.99 9.34 -6.12
C5 AJZ G . 14.40 10.38 -6.96
C6 AJZ G . 14.10 10.31 -8.30
OAA AJZ G . 10.54 6.54 -11.64
CAB AJZ G . 11.59 4.90 -8.53
CAC AJZ G . 15.00 10.66 -4.54
CAD AJZ G . 11.00 5.07 -9.78
CAE AJZ G . 12.27 5.95 -7.93
CAF AJZ G . 14.35 9.53 -4.82
CAG AJZ G . 11.79 7.35 -9.82
CAH AJZ G . 14.18 12.22 -11.47
CAI AJZ G . 14.99 13.64 -9.85
CAJ AJZ G . 14.38 10.97 -10.65
CAK AJZ G . 15.05 12.61 -8.75
OAN AJZ G . 15.30 13.02 -11.08
SAO AJZ G . 15.19 11.50 -5.99
CAP AJZ G . 11.10 6.31 -10.43
CAQ AJZ G . 12.37 7.19 -8.57
NAV AJZ G . 14.48 11.31 -9.21
CL CL H . 21.75 12.24 -1.93
CL CL I . -4.89 -13.43 -39.31
#